data_3GPH
#
_entry.id   3GPH
#
_cell.length_a   70.709
_cell.length_b   70.709
_cell.length_c   222.823
_cell.angle_alpha   90.00
_cell.angle_beta   90.00
_cell.angle_gamma   90.00
#
_symmetry.space_group_name_H-M   'P 43'
#
loop_
_entity.id
_entity.type
_entity.pdbx_description
1 polymer 'Cytochrome P450 2E1'
2 non-polymer 'PROTOPORPHYRIN IX CONTAINING FE'
3 non-polymer '10-(1H-imidazol-1-yl)decanoic acid'
4 water water
#
_entity_poly.entity_id   1
_entity_poly.type   'polypeptide(L)'
_entity_poly.pdbx_seq_one_letter_code
;MAKKTSSKGKLPPGPFPLPIIGNLFQLELKNIPKSFTRLAQRFGPVFTLYVGSQRMVVMHGYKAVKEALLDYKDEFSGRG
DLPAFHAHRDRGIIFNNGPTWKDIRRFSLTTLRNYGMGKQGNESRIQREAHFLLEALRKTQGQPFDPTFLIGCAPCNVIA
DILFRKHFDYNDEKFLRLMYLFNENFHLLSTPWLQLYNNFPSFLHYLPGSHRKVIKNVAEVKEYVSERVKEHHQSLDPNC
PRDLTDCLLVEMEKEKHSAERLYTMDGITVTVADLFFAGTETTSTTLRYGLLILMKYPEIEEKLHEEIDRVIGPSRIPAI
KDRQEMPYMDAVVHEIQRFITLVPSNLPHEATRDTIFRGYLIPKGTVVVPTLDSVLYDNQEFPDPEKFKPEHFLNENGKF
KYSDYFKPFSTGKRVCAGEGLARMELFLLLCAILQHFNLKPLVDPKDIDLSPIHIGFGCIPPRYKLCVIPRSHHHH
;
_entity_poly.pdbx_strand_id   A,B
#
loop_
_chem_comp.id
_chem_comp.type
_chem_comp.name
_chem_comp.formula
HEM non-polymer 'PROTOPORPHYRIN IX CONTAINING FE' 'C34 H32 Fe N4 O4'
OID non-polymer '10-(1H-imidazol-1-yl)decanoic acid' 'C13 H22 N2 O2'
#
# COMPACT_ATOMS: atom_id res chain seq x y z
N LYS A 10 45.43 -13.61 25.19
CA LYS A 10 45.88 -14.55 24.10
C LYS A 10 45.24 -14.23 22.68
N LEU A 11 45.87 -13.35 21.85
CA LEU A 11 45.39 -12.97 20.46
C LEU A 11 45.48 -14.02 19.30
N PRO A 12 44.73 -13.78 18.17
CA PRO A 12 44.84 -14.66 16.99
C PRO A 12 46.20 -14.52 16.28
N PRO A 13 46.67 -15.59 15.59
CA PRO A 13 47.99 -15.53 14.95
C PRO A 13 48.14 -14.26 14.11
N GLY A 14 49.38 -13.76 14.00
CA GLY A 14 49.70 -12.63 13.14
C GLY A 14 51.17 -12.47 12.86
N PRO A 15 51.53 -11.75 11.78
CA PRO A 15 52.96 -11.41 11.51
C PRO A 15 53.59 -10.56 12.60
N PHE A 16 54.92 -10.62 12.70
CA PHE A 16 55.63 -9.96 13.80
C PHE A 16 55.65 -8.45 13.55
N PRO A 17 54.82 -7.66 14.30
CA PRO A 17 54.57 -6.24 14.02
C PRO A 17 55.76 -5.39 14.36
N LEU A 18 56.12 -4.45 13.50
CA LEU A 18 57.29 -3.63 13.76
C LEU A 18 56.90 -2.34 14.52
N PRO A 19 57.88 -1.60 15.11
CA PRO A 19 57.59 -0.34 15.81
C PRO A 19 56.91 0.79 14.99
N ILE A 20 55.92 1.44 15.62
CA ILE A 20 55.10 2.55 15.08
C ILE A 20 54.27 2.23 13.77
N ILE A 21 54.95 1.71 12.75
CA ILE A 21 54.29 1.29 11.52
C ILE A 21 53.51 0.01 11.72
N GLY A 22 54.03 -0.88 12.56
CA GLY A 22 53.33 -2.13 12.85
C GLY A 22 53.43 -3.12 11.71
N ASN A 23 52.30 -3.41 11.09
CA ASN A 23 52.30 -4.39 9.99
C ASN A 23 52.20 -3.82 8.56
N LEU A 24 52.32 -2.50 8.45
CA LEU A 24 52.22 -1.79 7.21
C LEU A 24 52.79 -2.54 6.03
N PHE A 25 54.06 -2.92 6.12
CA PHE A 25 54.75 -3.72 5.09
C PHE A 25 54.02 -5.01 4.58
N GLN A 26 53.19 -5.63 5.41
CA GLN A 26 52.35 -6.76 5.04
C GLN A 26 51.27 -6.44 3.98
N LEU A 27 50.92 -5.17 3.88
CA LEU A 27 49.87 -4.67 2.99
C LEU A 27 50.38 -3.82 1.83
N GLU A 28 49.85 -4.14 0.64
CA GLU A 28 50.00 -3.35 -0.56
C GLU A 28 48.88 -2.32 -0.45
N LEU A 29 49.18 -1.04 -0.41
CA LEU A 29 48.11 -0.05 -0.16
C LEU A 29 47.08 0.16 -1.28
N LYS A 30 47.44 -0.18 -2.54
CA LYS A 30 46.53 -0.20 -3.71
C LYS A 30 45.54 -1.35 -3.68
N ASN A 31 45.78 -2.33 -2.80
CA ASN A 31 45.00 -3.57 -2.71
C ASN A 31 45.09 -4.34 -1.37
N ILE A 32 44.61 -3.66 -0.32
CA ILE A 32 44.34 -4.20 1.01
C ILE A 32 43.58 -5.55 0.95
N PRO A 33 42.37 -5.59 0.33
CA PRO A 33 41.69 -6.89 0.20
C PRO A 33 42.53 -8.03 -0.37
N LYS A 34 43.34 -7.78 -1.40
CA LYS A 34 44.20 -8.86 -1.87
C LYS A 34 45.28 -9.22 -0.83
N SER A 35 45.69 -8.22 -0.05
CA SER A 35 46.65 -8.42 1.02
C SER A 35 46.12 -9.21 2.25
N PHE A 36 44.81 -9.14 2.49
CA PHE A 36 44.11 -9.82 3.56
C PHE A 36 43.97 -11.27 3.20
N THR A 37 43.70 -11.50 1.93
CA THR A 37 43.62 -12.86 1.42
C THR A 37 44.96 -13.57 1.48
N ARG A 38 46.06 -12.86 1.23
CA ARG A 38 47.39 -13.42 1.40
C ARG A 38 47.61 -13.86 2.86
N LEU A 39 47.18 -13.01 3.76
CA LEU A 39 47.30 -13.27 5.15
C LEU A 39 46.40 -14.46 5.56
N ALA A 40 45.19 -14.55 5.02
CA ALA A 40 44.38 -15.74 5.19
C ALA A 40 45.10 -17.12 4.89
N GLN A 41 45.99 -17.22 3.87
CA GLN A 41 46.79 -18.48 3.66
C GLN A 41 47.77 -18.70 4.76
N ARG A 42 48.65 -17.72 4.98
CA ARG A 42 49.66 -17.86 6.03
C ARG A 42 49.09 -18.20 7.41
N PHE A 43 48.08 -17.48 7.90
CA PHE A 43 47.68 -17.56 9.32
C PHE A 43 46.26 -18.12 9.62
N GLY A 44 45.49 -18.45 8.58
CA GLY A 44 44.14 -19.02 8.77
C GLY A 44 43.04 -17.99 8.71
N PRO A 45 41.80 -18.38 9.07
CA PRO A 45 40.64 -17.51 8.90
C PRO A 45 40.43 -16.44 9.99
N VAL A 46 41.27 -16.43 11.03
CA VAL A 46 41.30 -15.31 11.94
C VAL A 46 42.73 -14.87 12.17
N PHE A 47 43.04 -13.61 11.90
CA PHE A 47 44.40 -13.11 12.18
C PHE A 47 44.46 -11.67 12.71
N THR A 48 45.59 -11.33 13.35
CA THR A 48 45.82 -10.01 13.97
C THR A 48 46.82 -9.13 13.18
N LEU A 49 46.37 -7.94 12.84
CA LEU A 49 47.19 -6.95 12.18
C LEU A 49 47.23 -5.75 13.06
N TYR A 50 48.38 -5.11 13.13
CA TYR A 50 48.49 -3.78 13.71
C TYR A 50 48.82 -2.85 12.57
N VAL A 51 48.04 -1.80 12.44
CA VAL A 51 48.40 -0.76 11.48
C VAL A 51 48.11 0.61 12.10
N GLY A 52 49.16 1.42 12.17
CA GLY A 52 49.28 2.47 13.17
C GLY A 52 49.62 1.62 14.38
N SER A 53 49.23 2.04 15.57
CA SER A 53 49.12 1.03 16.64
C SER A 53 47.66 0.65 16.94
N GLN A 54 46.75 1.04 16.03
CA GLN A 54 45.40 0.44 15.97
C GLN A 54 45.37 -1.07 15.58
N ARG A 55 45.07 -1.88 16.59
CA ARG A 55 45.03 -3.33 16.50
C ARG A 55 43.71 -3.77 15.83
N MET A 56 43.81 -4.58 14.77
CA MET A 56 42.59 -5.09 14.14
C MET A 56 42.57 -6.59 13.94
N VAL A 57 41.37 -7.13 14.11
CA VAL A 57 41.12 -8.54 13.85
C VAL A 57 40.32 -8.71 12.54
N VAL A 58 40.86 -9.52 11.65
CA VAL A 58 40.35 -9.74 10.34
C VAL A 58 39.86 -11.17 10.17
N MET A 59 38.58 -11.37 9.87
CA MET A 59 38.06 -12.70 9.57
C MET A 59 37.91 -12.91 8.06
N HIS A 60 38.36 -14.07 7.57
CA HIS A 60 38.33 -14.52 6.14
C HIS A 60 37.48 -15.81 6.00
N GLY A 61 36.70 -15.92 4.92
CA GLY A 61 35.88 -17.10 4.69
C GLY A 61 34.52 -17.06 5.35
N TYR A 62 33.53 -17.55 4.62
CA TYR A 62 32.12 -17.52 5.04
C TYR A 62 31.91 -17.99 6.48
N LYS A 63 32.40 -19.19 6.80
CA LYS A 63 32.36 -19.71 8.18
C LYS A 63 32.81 -18.68 9.24
N ALA A 64 34.02 -18.15 9.11
CA ALA A 64 34.56 -17.17 10.04
C ALA A 64 33.86 -15.79 9.95
N VAL A 65 33.49 -15.36 8.72
CA VAL A 65 32.79 -14.10 8.52
C VAL A 65 31.35 -14.19 9.05
N LYS A 66 30.62 -15.24 8.69
CA LYS A 66 29.32 -15.55 9.33
C LYS A 66 29.34 -15.42 10.89
N GLU A 67 30.16 -16.26 11.56
CA GLU A 67 30.21 -16.28 13.03
C GLU A 67 30.31 -14.88 13.62
N ALA A 68 31.29 -14.12 13.13
CA ALA A 68 31.66 -12.81 13.64
C ALA A 68 30.50 -11.86 13.55
N LEU A 69 29.79 -11.96 12.44
CA LEU A 69 28.63 -11.14 12.22
C LEU A 69 27.38 -11.62 12.95
N LEU A 70 27.16 -12.94 13.05
CA LEU A 70 25.91 -13.49 13.67
C LEU A 70 26.01 -14.05 15.13
N ASP A 71 27.06 -14.80 15.40
CA ASP A 71 27.23 -15.46 16.69
C ASP A 71 27.65 -14.50 17.78
N TYR A 72 28.54 -13.58 17.43
CA TYR A 72 28.98 -12.56 18.38
C TYR A 72 28.43 -11.19 17.92
N LYS A 73 27.11 -11.16 17.70
CA LYS A 73 26.26 -9.95 17.47
C LYS A 73 26.59 -8.66 18.29
N ASP A 74 26.24 -8.64 19.59
CA ASP A 74 26.43 -7.48 20.45
C ASP A 74 27.88 -7.10 20.66
N GLU A 75 28.72 -8.13 20.74
CA GLU A 75 30.15 -7.95 20.95
C GLU A 75 30.81 -7.07 19.90
N PHE A 76 30.53 -7.36 18.63
CA PHE A 76 31.16 -6.69 17.49
C PHE A 76 30.28 -5.62 16.85
N SER A 77 29.26 -5.16 17.55
CA SER A 77 28.35 -4.18 16.98
C SER A 77 28.90 -2.74 16.93
N GLY A 78 30.13 -2.50 17.38
CA GLY A 78 30.75 -1.18 17.23
C GLY A 78 31.20 -0.83 15.81
N ARG A 79 31.49 0.46 15.58
CA ARG A 79 31.98 1.02 14.29
C ARG A 79 33.44 1.55 14.37
N GLY A 80 34.31 0.88 13.62
CA GLY A 80 35.71 1.23 13.55
C GLY A 80 35.89 2.61 12.98
N ASP A 81 36.95 3.25 13.45
CA ASP A 81 37.18 4.63 13.21
C ASP A 81 37.70 4.90 11.80
N LEU A 82 37.00 5.83 11.15
CA LEU A 82 37.24 6.26 9.78
C LEU A 82 37.45 7.78 9.74
N PRO A 83 38.72 8.21 9.97
CA PRO A 83 39.07 9.63 10.25
C PRO A 83 38.67 10.69 9.16
N ALA A 84 38.63 10.28 7.88
CA ALA A 84 38.09 11.13 6.81
C ALA A 84 36.69 11.65 7.14
N PHE A 85 36.05 10.95 8.05
CA PHE A 85 34.71 11.26 8.37
C PHE A 85 34.66 11.66 9.83
N HIS A 86 35.58 12.52 10.26
CA HIS A 86 35.45 12.99 11.62
CA HIS A 86 35.54 13.11 11.60
C HIS A 86 34.31 14.02 11.77
N ALA A 87 33.80 14.54 10.63
CA ALA A 87 32.60 15.36 10.56
C ALA A 87 31.26 14.60 10.68
N HIS A 88 31.33 13.25 10.60
CA HIS A 88 30.17 12.34 10.72
C HIS A 88 30.21 11.47 11.97
N ARG A 89 31.42 11.31 12.52
CA ARG A 89 31.78 10.45 13.65
C ARG A 89 30.95 10.62 14.94
N ASP A 90 30.36 9.51 15.41
CA ASP A 90 29.56 9.35 16.67
C ASP A 90 28.21 10.09 16.67
N ARG A 91 27.84 10.55 15.47
CA ARG A 91 26.54 11.06 15.10
C ARG A 91 25.95 10.13 14.02
N GLY A 92 24.72 10.37 13.60
CA GLY A 92 24.13 9.58 12.51
C GLY A 92 24.01 8.06 12.61
N ILE A 93 24.49 7.38 11.57
CA ILE A 93 24.49 5.92 11.55
C ILE A 93 25.76 5.22 10.99
N ILE A 94 26.20 5.53 9.77
CA ILE A 94 27.35 4.83 9.21
C ILE A 94 28.57 4.89 10.16
N PHE A 95 28.88 6.09 10.64
CA PHE A 95 30.18 6.37 11.23
C PHE A 95 30.15 6.50 12.70
N ASN A 96 29.16 5.86 13.32
CA ASN A 96 28.97 6.17 14.69
C ASN A 96 29.04 5.07 15.77
N ASN A 97 29.97 5.30 16.67
CA ASN A 97 30.32 4.35 17.71
C ASN A 97 29.75 4.64 19.10
N GLY A 98 29.14 5.81 19.32
CA GLY A 98 28.59 6.16 20.63
C GLY A 98 27.24 5.53 20.92
N PRO A 99 26.64 5.84 22.10
CA PRO A 99 25.34 5.28 22.62
C PRO A 99 24.10 5.91 21.96
N THR A 100 24.37 6.81 21.02
CA THR A 100 23.34 7.49 20.26
C THR A 100 22.93 6.60 19.06
N TRP A 101 23.69 5.52 18.82
CA TRP A 101 23.56 4.75 17.57
C TRP A 101 22.27 3.87 17.48
N LYS A 102 21.98 3.12 18.54
CA LYS A 102 20.89 2.14 18.52
C LYS A 102 19.53 2.76 18.20
N ASP A 103 19.27 3.94 18.76
CA ASP A 103 17.94 4.56 18.62
C ASP A 103 17.70 5.31 17.29
N ILE A 104 18.71 6.02 16.83
CA ILE A 104 18.70 6.59 15.49
C ILE A 104 18.57 5.49 14.42
N ARG A 105 19.27 4.37 14.59
CA ARG A 105 19.18 3.29 13.59
C ARG A 105 17.83 2.61 13.52
N ARG A 106 17.26 2.23 14.67
CA ARG A 106 15.93 1.59 14.72
C ARG A 106 14.85 2.53 14.23
N PHE A 107 15.06 3.84 14.39
CA PHE A 107 14.02 4.78 14.01
C PHE A 107 14.01 5.13 12.52
N SER A 108 15.22 5.24 11.96
CA SER A 108 15.43 5.49 10.57
C SER A 108 14.98 4.28 9.77
N LEU A 109 15.25 3.09 10.31
CA LEU A 109 14.77 1.86 9.69
C LEU A 109 13.24 1.81 9.57
N THR A 110 12.55 1.98 10.71
CA THR A 110 11.08 2.10 10.75
C THR A 110 10.57 3.07 9.66
N THR A 111 11.10 4.29 9.66
CA THR A 111 10.69 5.39 8.75
C THR A 111 10.79 5.01 7.26
N LEU A 112 11.97 4.57 6.83
CA LEU A 112 12.19 3.98 5.49
C LEU A 112 11.16 2.94 5.08
N ARG A 113 10.97 1.92 5.92
CA ARG A 113 9.95 0.87 5.65
C ARG A 113 8.51 1.39 5.34
N ASN A 114 8.09 2.50 5.99
CA ASN A 114 6.76 3.16 5.78
C ASN A 114 6.70 4.05 4.55
N TYR A 115 7.78 4.82 4.33
CA TYR A 115 7.98 5.50 3.03
C TYR A 115 8.18 4.48 1.91
N GLY A 116 8.72 3.32 2.26
CA GLY A 116 9.02 2.27 1.31
C GLY A 116 7.80 1.61 0.72
N LYS A 119 5.44 -2.75 0.42
CA LYS A 119 4.52 -1.70 0.88
C LYS A 119 3.94 -0.82 -0.29
N GLN A 120 4.63 -0.82 -1.45
CA GLN A 120 4.21 -0.12 -2.73
C GLN A 120 4.83 1.31 -3.00
N GLY A 121 5.10 2.06 -1.92
CA GLY A 121 5.78 3.35 -1.99
C GLY A 121 7.15 3.34 -2.66
N ASN A 122 7.98 2.34 -2.36
CA ASN A 122 9.26 2.23 -3.06
C ASN A 122 9.11 1.84 -4.52
N GLU A 123 8.32 0.80 -4.81
CA GLU A 123 8.12 0.36 -6.20
C GLU A 123 7.65 1.51 -7.08
N SER A 124 6.63 2.24 -6.62
CA SER A 124 6.05 3.37 -7.33
C SER A 124 6.99 4.58 -7.47
N ARG A 125 7.69 4.90 -6.40
CA ARG A 125 8.74 5.91 -6.40
C ARG A 125 9.90 5.63 -7.42
N ILE A 126 10.48 4.42 -7.34
CA ILE A 126 11.48 3.94 -8.31
C ILE A 126 10.93 3.98 -9.73
N GLN A 127 9.78 3.34 -9.94
CA GLN A 127 9.01 3.38 -11.20
C GLN A 127 8.82 4.79 -11.79
N ARG A 128 8.41 5.77 -10.97
CA ARG A 128 8.32 7.16 -11.42
C ARG A 128 9.67 7.57 -11.99
N GLU A 129 10.71 7.44 -11.16
CA GLU A 129 12.08 7.89 -11.48
C GLU A 129 12.64 7.33 -12.79
N ALA A 130 12.26 6.10 -13.09
CA ALA A 130 12.66 5.50 -14.37
C ALA A 130 12.14 6.25 -15.63
N HIS A 131 10.95 6.86 -15.55
CA HIS A 131 10.48 7.72 -16.63
C HIS A 131 11.55 8.80 -16.91
N PHE A 132 12.04 9.45 -15.86
CA PHE A 132 13.01 10.54 -16.03
C PHE A 132 14.32 10.02 -16.52
N LEU A 133 14.67 8.82 -16.04
CA LEU A 133 15.90 8.15 -16.42
C LEU A 133 15.94 7.85 -17.93
N LEU A 134 14.91 7.14 -18.41
CA LEU A 134 14.77 6.79 -19.83
C LEU A 134 14.77 8.02 -20.76
N GLU A 135 14.01 9.05 -20.36
CA GLU A 135 13.96 10.34 -21.07
C GLU A 135 15.36 10.86 -21.28
N ALA A 136 16.15 10.83 -20.20
CA ALA A 136 17.54 11.25 -20.23
C ALA A 136 18.41 10.37 -21.12
N LEU A 137 18.07 9.09 -21.24
CA LEU A 137 18.86 8.19 -22.06
C LEU A 137 18.49 8.29 -23.54
N ARG A 138 17.22 8.49 -23.81
CA ARG A 138 16.70 8.83 -25.12
C ARG A 138 17.42 10.11 -25.62
N LYS A 139 17.22 11.17 -24.83
CA LYS A 139 17.89 12.46 -25.02
C LYS A 139 19.33 12.40 -25.58
N THR A 140 20.16 11.46 -25.15
CA THR A 140 21.53 11.36 -25.68
C THR A 140 21.55 10.86 -27.13
N GLN A 141 20.37 10.73 -27.74
CA GLN A 141 20.22 10.56 -29.19
C GLN A 141 21.24 9.59 -29.82
N GLY A 142 21.44 8.44 -29.14
CA GLY A 142 22.37 7.40 -29.58
C GLY A 142 23.87 7.69 -29.64
N GLN A 143 24.26 8.92 -29.31
CA GLN A 143 25.66 9.39 -29.35
C GLN A 143 26.44 8.97 -28.06
N PRO A 144 27.79 8.93 -28.11
CA PRO A 144 28.63 8.69 -26.91
C PRO A 144 28.39 9.63 -25.68
N PHE A 145 28.28 9.04 -24.47
CA PHE A 145 28.17 9.77 -23.18
C PHE A 145 28.79 8.98 -22.01
N ASP A 146 29.43 9.69 -21.08
CA ASP A 146 29.80 9.10 -19.80
C ASP A 146 28.47 8.94 -19.01
N PRO A 147 28.14 7.69 -18.62
CA PRO A 147 26.95 7.43 -17.85
C PRO A 147 27.00 7.88 -16.37
N THR A 148 28.18 8.12 -15.84
CA THR A 148 28.42 8.42 -14.42
C THR A 148 27.38 9.40 -13.80
N PHE A 149 27.08 10.48 -14.53
CA PHE A 149 26.25 11.49 -13.98
C PHE A 149 24.93 11.51 -14.70
N LEU A 150 24.62 10.41 -15.37
CA LEU A 150 23.28 10.19 -15.97
C LEU A 150 22.53 9.13 -15.22
N ILE A 151 23.13 7.94 -15.17
CA ILE A 151 22.59 6.83 -14.43
C ILE A 151 22.53 7.15 -12.92
N GLY A 152 23.37 8.07 -12.46
CA GLY A 152 23.46 8.35 -11.03
C GLY A 152 22.30 9.13 -10.45
N CYS A 153 21.73 9.97 -11.29
CA CYS A 153 20.66 10.85 -10.90
C CYS A 153 19.45 10.08 -10.44
N ALA A 154 19.27 8.90 -11.02
CA ALA A 154 18.11 8.08 -10.68
C ALA A 154 18.05 7.62 -9.23
N PRO A 155 19.08 6.87 -8.71
CA PRO A 155 19.07 6.60 -7.25
C PRO A 155 19.20 7.86 -6.37
N CYS A 156 19.80 8.90 -6.90
CA CYS A 156 19.88 10.18 -6.22
C CYS A 156 18.50 10.73 -5.92
N ASN A 157 17.71 10.99 -6.96
CA ASN A 157 16.32 11.43 -6.78
C ASN A 157 15.42 10.62 -5.83
N VAL A 158 15.59 9.32 -5.87
CA VAL A 158 14.79 8.41 -5.07
C VAL A 158 15.04 8.59 -3.56
N ILE A 159 16.31 8.64 -3.16
CA ILE A 159 16.71 8.95 -1.78
C ILE A 159 16.36 10.42 -1.43
N ALA A 160 16.49 11.32 -2.39
CA ALA A 160 16.06 12.72 -2.28
C ALA A 160 14.58 12.90 -1.89
N ASP A 161 13.71 12.22 -2.59
CA ASP A 161 12.31 12.40 -2.31
C ASP A 161 11.92 11.78 -0.95
N ILE A 162 12.57 10.68 -0.61
CA ILE A 162 12.38 10.08 0.71
C ILE A 162 12.90 11.04 1.80
N LEU A 163 14.03 11.68 1.51
CA LEU A 163 14.70 12.50 2.50
C LEU A 163 14.11 13.89 2.57
N PHE A 164 13.97 14.55 1.41
CA PHE A 164 13.66 15.97 1.35
C PHE A 164 12.38 16.27 0.57
N ARG A 165 11.53 15.26 0.32
CA ARG A 165 10.43 15.40 -0.68
C ARG A 165 10.87 16.31 -1.91
N LYS A 166 12.17 16.31 -2.19
CA LYS A 166 12.70 17.13 -3.26
C LYS A 166 12.99 16.32 -4.54
N HIS A 167 12.52 16.86 -5.66
CA HIS A 167 12.87 16.25 -6.92
C HIS A 167 13.72 17.20 -7.78
N PHE A 168 14.77 16.64 -8.40
CA PHE A 168 15.77 17.39 -9.19
C PHE A 168 15.71 17.10 -10.70
N ASP A 169 15.79 18.13 -11.53
CA ASP A 169 16.01 17.96 -12.97
C ASP A 169 17.44 17.41 -13.22
N TYR A 170 17.64 16.58 -14.27
CA TYR A 170 18.99 15.99 -14.57
C TYR A 170 20.18 16.92 -14.93
N ASN A 171 19.94 18.22 -15.11
CA ASN A 171 21.00 19.21 -15.44
C ASN A 171 21.15 20.33 -14.44
N ASP A 172 20.39 20.30 -13.36
CA ASP A 172 20.48 21.29 -12.31
C ASP A 172 21.86 21.26 -11.70
N GLU A 173 22.45 22.46 -11.55
CA GLU A 173 23.83 22.69 -11.04
C GLU A 173 24.27 22.01 -9.72
N LYS A 174 23.42 22.14 -8.69
CA LYS A 174 23.75 21.64 -7.36
C LYS A 174 23.65 20.09 -7.27
N PHE A 175 22.57 19.53 -7.80
CA PHE A 175 22.42 18.12 -8.01
C PHE A 175 23.71 17.45 -8.51
N LEU A 176 24.24 17.97 -9.62
CA LEU A 176 25.46 17.45 -10.28
C LEU A 176 26.69 17.64 -9.41
N ARG A 177 26.65 18.73 -8.65
CA ARG A 177 27.75 19.05 -7.75
C ARG A 177 27.79 18.05 -6.55
N LEU A 178 26.61 17.61 -6.10
CA LEU A 178 26.49 16.61 -5.05
C LEU A 178 26.94 15.24 -5.54
N MET A 179 26.54 14.92 -6.76
CA MET A 179 26.94 13.68 -7.35
C MET A 179 28.45 13.71 -7.60
N TYR A 180 28.95 14.85 -8.06
CA TYR A 180 30.38 14.99 -8.26
C TYR A 180 31.21 14.70 -6.98
N LEU A 181 30.82 15.32 -5.88
CA LEU A 181 31.46 15.10 -4.58
C LEU A 181 31.35 13.65 -4.08
N PHE A 182 30.14 13.08 -4.07
CA PHE A 182 29.92 11.63 -3.82
C PHE A 182 30.91 10.73 -4.53
N ASN A 183 31.08 10.97 -5.83
CA ASN A 183 31.95 10.17 -6.71
C ASN A 183 33.42 10.45 -6.40
N GLU A 184 33.85 11.72 -6.41
CA GLU A 184 35.19 12.08 -5.99
C GLU A 184 35.62 11.45 -4.63
N ASN A 185 34.77 11.46 -3.60
CA ASN A 185 35.18 10.92 -2.28
C ASN A 185 35.35 9.41 -2.33
N PHE A 186 34.50 8.76 -3.13
CA PHE A 186 34.53 7.30 -3.24
C PHE A 186 35.78 6.84 -3.97
N HIS A 187 36.07 7.39 -5.14
CA HIS A 187 37.36 7.23 -5.84
C HIS A 187 38.56 7.46 -4.87
N LEU A 188 38.49 8.59 -4.18
CA LEU A 188 39.60 9.03 -3.37
C LEU A 188 39.78 8.15 -2.13
N LEU A 189 38.68 7.60 -1.63
CA LEU A 189 38.70 6.77 -0.44
C LEU A 189 39.12 5.38 -0.73
N SER A 190 39.30 5.09 -2.02
CA SER A 190 39.80 3.80 -2.52
C SER A 190 41.20 3.90 -3.09
N THR A 191 41.94 4.97 -2.76
CA THR A 191 43.33 5.11 -3.20
C THR A 191 44.29 4.81 -2.03
N PRO A 192 45.50 4.31 -2.34
CA PRO A 192 46.43 3.96 -1.31
C PRO A 192 46.67 5.11 -0.40
N TRP A 193 46.68 6.34 -0.93
CA TRP A 193 47.05 7.47 -0.12
C TRP A 193 46.03 7.59 1.03
N LEU A 194 44.74 7.48 0.70
CA LEU A 194 43.72 7.51 1.73
C LEU A 194 43.80 6.39 2.78
N GLN A 195 44.35 5.22 2.40
CA GLN A 195 44.45 4.05 3.29
C GLN A 195 45.46 4.31 4.38
N LEU A 196 46.58 4.86 3.97
CA LEU A 196 47.55 5.39 4.87
C LEU A 196 46.88 6.45 5.74
N TYR A 197 46.25 7.45 5.14
CA TYR A 197 45.59 8.44 5.98
C TYR A 197 44.73 7.81 7.10
N ASN A 198 43.97 6.78 6.78
CA ASN A 198 42.99 6.20 7.68
C ASN A 198 43.61 5.56 8.97
N ASN A 199 44.80 4.97 8.88
CA ASN A 199 45.47 4.38 10.07
C ASN A 199 46.60 5.19 10.70
N PHE A 200 46.98 6.29 10.04
CA PHE A 200 48.02 7.22 10.56
C PHE A 200 47.54 8.67 10.54
N PRO A 201 46.32 8.92 11.05
CA PRO A 201 45.66 10.19 10.80
C PRO A 201 46.38 11.36 11.42
N SER A 202 46.95 11.16 12.61
CA SER A 202 47.60 12.27 13.28
C SER A 202 49.03 12.61 12.76
N PHE A 203 49.72 11.67 12.13
CA PHE A 203 51.01 11.98 11.52
C PHE A 203 50.84 12.74 10.19
N LEU A 204 49.71 12.52 9.53
CA LEU A 204 49.52 12.89 8.11
C LEU A 204 48.47 13.99 7.83
N HIS A 205 47.46 14.07 8.70
CA HIS A 205 46.32 14.99 8.58
C HIS A 205 46.73 16.39 8.14
N TYR A 206 47.69 16.97 8.85
CA TYR A 206 48.07 18.35 8.61
C TYR A 206 49.08 18.54 7.49
N LEU A 207 49.35 17.48 6.72
CA LEU A 207 50.27 17.60 5.59
C LEU A 207 49.46 17.84 4.28
N PRO A 208 50.11 18.36 3.19
CA PRO A 208 49.37 18.45 1.90
C PRO A 208 48.94 17.05 1.41
N GLY A 209 48.07 16.96 0.41
CA GLY A 209 47.65 15.65 -0.14
C GLY A 209 46.16 15.52 -0.12
N SER A 210 45.65 14.43 -0.67
CA SER A 210 44.24 14.38 -1.06
C SER A 210 43.27 13.95 0.05
N HIS A 211 43.78 13.75 1.24
CA HIS A 211 42.90 13.67 2.39
C HIS A 211 42.21 15.05 2.61
N ARG A 212 42.93 16.16 2.36
CA ARG A 212 42.37 17.53 2.41
C ARG A 212 41.13 17.68 1.50
N LYS A 213 41.20 17.10 0.30
CA LYS A 213 40.13 17.12 -0.66
C LYS A 213 38.91 16.31 -0.16
N VAL A 214 39.18 15.08 0.26
CA VAL A 214 38.16 14.21 0.75
C VAL A 214 37.42 14.87 1.92
N ILE A 215 38.15 15.64 2.72
CA ILE A 215 37.59 16.35 3.88
C ILE A 215 36.85 17.66 3.59
N LYS A 216 37.38 18.47 2.65
CA LYS A 216 36.65 19.62 2.10
C LYS A 216 35.29 19.08 1.63
N ASN A 217 35.32 17.93 0.97
CA ASN A 217 34.13 17.39 0.34
C ASN A 217 33.07 16.85 1.30
N VAL A 218 33.51 16.15 2.35
CA VAL A 218 32.62 15.65 3.37
C VAL A 218 31.83 16.85 3.90
N ALA A 219 32.52 17.98 4.10
CA ALA A 219 31.97 19.21 4.68
C ALA A 219 30.96 19.92 3.79
N GLU A 220 31.26 20.01 2.47
CA GLU A 220 30.36 20.61 1.47
C GLU A 220 29.03 19.88 1.46
N VAL A 221 29.10 18.54 1.52
CA VAL A 221 27.91 17.66 1.57
C VAL A 221 27.09 17.83 2.88
N LYS A 222 27.78 17.77 4.03
CA LYS A 222 27.17 18.08 5.32
C LYS A 222 26.55 19.51 5.38
N GLU A 223 27.22 20.50 4.79
CA GLU A 223 26.71 21.89 4.69
C GLU A 223 25.44 21.99 3.83
N TYR A 224 25.46 21.36 2.65
CA TYR A 224 24.27 21.34 1.80
C TYR A 224 23.06 20.75 2.53
N VAL A 225 23.27 19.62 3.22
CA VAL A 225 22.26 18.90 4.00
C VAL A 225 21.81 19.71 5.21
N SER A 226 22.79 20.19 5.95
CA SER A 226 22.54 21.16 7.02
C SER A 226 21.44 22.18 6.68
N GLU A 227 21.62 22.87 5.55
CA GLU A 227 20.72 23.91 5.06
C GLU A 227 19.35 23.37 4.77
N ARG A 228 19.30 22.09 4.43
CA ARG A 228 18.06 21.49 4.00
C ARG A 228 17.24 21.17 5.23
N VAL A 229 17.92 20.77 6.31
CA VAL A 229 17.36 20.47 7.64
C VAL A 229 16.83 21.74 8.40
N LYS A 230 17.52 22.87 8.19
CA LYS A 230 17.11 24.15 8.76
C LYS A 230 15.88 24.70 8.03
N GLU A 231 15.90 24.67 6.69
CA GLU A 231 14.70 24.88 5.83
C GLU A 231 13.46 24.12 6.32
N HIS A 232 13.67 22.88 6.74
CA HIS A 232 12.57 22.00 7.15
C HIS A 232 12.06 22.33 8.59
N HIS A 233 12.97 22.73 9.50
CA HIS A 233 12.67 23.36 10.81
C HIS A 233 11.70 24.47 10.53
N GLN A 234 12.21 25.51 9.87
CA GLN A 234 11.54 26.81 9.71
C GLN A 234 10.16 26.77 9.05
N SER A 235 9.86 25.72 8.30
CA SER A 235 8.51 25.61 7.72
C SER A 235 7.81 24.29 8.08
N LEU A 236 8.20 23.73 9.22
CA LEU A 236 7.64 22.46 9.72
C LEU A 236 6.17 22.49 10.14
N ASP A 237 5.37 21.65 9.49
CA ASP A 237 4.05 21.31 10.02
C ASP A 237 4.16 20.02 10.90
N PRO A 238 4.28 20.16 12.25
CA PRO A 238 4.56 18.97 13.11
C PRO A 238 3.50 17.88 12.94
N ASN A 239 2.31 18.35 12.53
CA ASN A 239 1.13 17.54 12.22
C ASN A 239 1.27 16.73 10.95
N CYS A 240 2.38 16.91 10.23
CA CYS A 240 2.36 16.59 8.81
C CYS A 240 3.74 16.43 8.20
N PRO A 241 4.50 15.42 8.64
CA PRO A 241 5.79 15.16 7.98
C PRO A 241 5.66 15.13 6.44
N ARG A 242 6.61 15.71 5.71
CA ARG A 242 6.61 15.63 4.23
C ARG A 242 7.65 14.60 3.68
N ASP A 243 8.55 14.16 4.57
CA ASP A 243 9.74 13.37 4.24
C ASP A 243 10.44 12.94 5.54
N LEU A 244 11.53 12.20 5.42
CA LEU A 244 12.23 11.68 6.58
C LEU A 244 12.81 12.80 7.42
N THR A 245 13.26 13.88 6.80
CA THR A 245 13.77 15.03 7.57
C THR A 245 12.79 15.49 8.64
N ASP A 246 11.54 15.70 8.26
CA ASP A 246 10.50 16.17 9.18
C ASP A 246 10.29 15.22 10.35
N CYS A 247 10.40 13.91 10.09
CA CYS A 247 10.11 12.88 11.09
C CYS A 247 11.13 12.91 12.20
N LEU A 248 12.31 13.42 11.84
CA LEU A 248 13.46 13.45 12.73
C LEU A 248 13.43 14.71 13.53
N LEU A 249 13.10 15.80 12.85
CA LEU A 249 12.75 17.07 13.48
C LEU A 249 11.63 16.85 14.51
N VAL A 250 10.59 16.11 14.11
CA VAL A 250 9.48 15.77 14.98
C VAL A 250 9.91 14.92 16.18
N GLU A 251 10.73 13.90 15.96
CA GLU A 251 11.30 13.15 17.08
C GLU A 251 12.15 14.03 18.02
N MET A 252 12.70 15.12 17.47
CA MET A 252 13.53 16.02 18.24
C MET A 252 12.71 16.93 19.16
N GLU A 253 11.69 17.61 18.60
CA GLU A 253 10.72 18.45 19.36
C GLU A 253 10.02 17.74 20.52
N LYS A 254 9.57 16.50 20.30
CA LYS A 254 9.07 15.63 21.36
C LYS A 254 10.13 15.35 22.43
N GLU A 255 11.32 15.92 22.29
CA GLU A 255 12.43 15.59 23.18
C GLU A 255 13.10 16.78 23.87
N LYS A 256 12.53 17.99 23.79
CA LYS A 256 13.17 19.18 24.45
C LYS A 256 13.30 19.08 26.00
N HIS A 257 12.18 18.85 26.69
CA HIS A 257 12.18 18.66 28.15
C HIS A 257 13.04 17.43 28.57
N SER A 258 14.31 17.35 28.15
CA SER A 258 15.21 16.23 28.50
C SER A 258 16.72 16.53 28.41
N ALA A 259 17.38 16.66 29.56
CA ALA A 259 18.85 16.88 29.62
C ALA A 259 19.68 15.82 28.87
N GLU A 260 19.24 14.55 28.92
CA GLU A 260 19.86 13.44 28.12
C GLU A 260 19.43 13.47 26.63
N ARG A 261 20.09 14.31 25.82
CA ARG A 261 19.71 14.55 24.40
C ARG A 261 20.22 13.50 23.41
N LEU A 262 19.27 12.94 22.66
CA LEU A 262 19.52 11.90 21.70
C LEU A 262 19.29 12.39 20.25
N TYR A 263 19.01 13.67 20.05
CA TYR A 263 18.97 14.31 18.71
C TYR A 263 19.41 15.76 18.79
N THR A 264 20.36 16.15 17.96
CA THR A 264 20.62 17.57 17.73
C THR A 264 20.43 17.84 16.24
N MET A 265 20.27 19.11 15.87
CA MET A 265 20.33 19.52 14.47
C MET A 265 21.51 18.84 13.78
N ASP A 266 22.64 18.81 14.49
CA ASP A 266 23.82 18.04 14.12
C ASP A 266 23.54 16.54 13.96
N GLY A 267 23.04 15.88 15.00
CA GLY A 267 22.55 14.49 14.89
C GLY A 267 21.73 14.16 13.63
N ILE A 268 20.81 15.05 13.27
CA ILE A 268 19.87 14.86 12.15
C ILE A 268 20.51 15.09 10.76
N THR A 269 21.36 16.11 10.67
CA THR A 269 22.00 16.47 9.39
C THR A 269 22.94 15.34 8.89
N VAL A 270 23.57 14.65 9.84
CA VAL A 270 24.44 13.49 9.64
C VAL A 270 23.65 12.24 9.22
N THR A 271 22.54 11.96 9.90
CA THR A 271 21.71 10.81 9.57
C THR A 271 21.30 10.96 8.12
N VAL A 272 20.95 12.21 7.82
CA VAL A 272 20.47 12.59 6.53
C VAL A 272 21.57 12.52 5.48
N ALA A 273 22.71 13.16 5.74
CA ALA A 273 23.87 13.03 4.84
C ALA A 273 24.29 11.57 4.57
N ASP A 274 24.39 10.77 5.65
CA ASP A 274 24.65 9.37 5.51
C ASP A 274 23.69 8.78 4.54
N LEU A 275 22.38 8.95 4.75
CA LEU A 275 21.40 8.30 3.84
C LEU A 275 21.51 8.77 2.39
N PHE A 276 21.90 10.02 2.21
CA PHE A 276 21.86 10.65 0.91
C PHE A 276 22.98 10.10 0.03
N PHE A 277 24.20 10.20 0.57
CA PHE A 277 25.38 9.78 -0.12
C PHE A 277 25.43 8.25 -0.22
N ALA A 278 24.97 7.55 0.81
CA ALA A 278 24.89 6.12 0.62
C ALA A 278 23.75 5.79 -0.35
N GLY A 279 22.61 6.45 -0.20
CA GLY A 279 21.48 6.23 -1.09
C GLY A 279 21.82 6.46 -2.55
N THR A 280 22.80 7.30 -2.80
CA THR A 280 23.17 7.59 -4.17
C THR A 280 24.31 6.71 -4.75
N GLU A 281 25.47 6.79 -4.10
CA GLU A 281 26.73 6.47 -4.75
C GLU A 281 26.88 4.99 -4.92
N THR A 282 26.24 4.33 -3.98
CA THR A 282 26.19 2.93 -3.84
C THR A 282 25.44 2.25 -5.03
N THR A 283 24.13 2.51 -5.17
CA THR A 283 23.35 2.08 -6.34
C THR A 283 24.01 2.52 -7.65
N SER A 284 24.27 3.80 -7.80
CA SER A 284 24.98 4.28 -8.97
C SER A 284 26.26 3.50 -9.39
N THR A 285 27.13 3.16 -8.47
CA THR A 285 28.33 2.47 -8.88
C THR A 285 27.98 1.10 -9.44
N THR A 286 27.07 0.42 -8.74
CA THR A 286 26.58 -0.92 -9.07
C THR A 286 25.96 -0.94 -10.45
N LEU A 287 25.01 -0.06 -10.67
CA LEU A 287 24.41 0.05 -11.95
C LEU A 287 25.45 0.27 -13.06
N ARG A 288 26.33 1.26 -12.84
CA ARG A 288 27.40 1.63 -13.76
C ARG A 288 28.35 0.49 -14.08
N TYR A 289 28.59 -0.38 -13.10
CA TYR A 289 29.53 -1.50 -13.27
C TYR A 289 28.78 -2.68 -13.96
N GLY A 290 27.47 -2.79 -13.71
CA GLY A 290 26.52 -3.64 -14.44
C GLY A 290 26.45 -3.40 -15.95
N LEU A 291 26.38 -2.15 -16.37
CA LEU A 291 26.34 -1.88 -17.80
C LEU A 291 27.65 -2.21 -18.48
N LEU A 292 28.75 -1.92 -17.80
CA LEU A 292 30.06 -2.20 -18.34
C LEU A 292 30.20 -3.73 -18.50
N ILE A 293 29.91 -4.53 -17.45
CA ILE A 293 29.89 -6.01 -17.57
C ILE A 293 29.07 -6.52 -18.78
N LEU A 294 27.90 -5.94 -19.00
CA LEU A 294 27.00 -6.48 -20.00
C LEU A 294 27.40 -6.09 -21.42
N MET A 295 28.33 -5.15 -21.56
CA MET A 295 28.89 -4.84 -22.85
C MET A 295 30.08 -5.77 -23.17
N LYS A 296 30.65 -6.33 -22.10
CA LYS A 296 31.69 -7.31 -22.17
C LYS A 296 31.10 -8.67 -22.67
N TYR A 297 29.89 -9.01 -22.21
CA TYR A 297 29.26 -10.28 -22.55
C TYR A 297 27.94 -10.07 -23.27
N PRO A 298 28.03 -9.80 -24.58
CA PRO A 298 26.84 -9.53 -25.40
C PRO A 298 25.85 -10.67 -25.37
N GLU A 299 26.32 -11.90 -25.28
CA GLU A 299 25.42 -13.06 -25.22
C GLU A 299 24.51 -13.05 -23.99
N ILE A 300 25.02 -12.53 -22.87
CA ILE A 300 24.24 -12.38 -21.65
C ILE A 300 23.18 -11.27 -21.80
N GLU A 301 23.61 -10.08 -22.23
CA GLU A 301 22.67 -8.98 -22.48
C GLU A 301 21.50 -9.38 -23.37
N GLU A 302 21.73 -10.35 -24.24
CA GLU A 302 20.73 -10.70 -25.24
C GLU A 302 19.74 -11.70 -24.72
N LYS A 303 20.24 -12.62 -23.90
CA LYS A 303 19.41 -13.54 -23.16
C LYS A 303 18.47 -12.73 -22.28
N LEU A 304 18.94 -11.58 -21.75
CA LEU A 304 18.08 -10.69 -20.93
C LEU A 304 17.00 -9.94 -21.71
N HIS A 305 17.26 -9.61 -22.96
CA HIS A 305 16.28 -8.96 -23.82
C HIS A 305 15.11 -9.88 -24.14
N GLU A 306 15.45 -11.15 -24.41
CA GLU A 306 14.46 -12.15 -24.71
C GLU A 306 13.51 -12.39 -23.51
N GLU A 307 14.06 -12.44 -22.31
CA GLU A 307 13.27 -12.66 -21.10
C GLU A 307 12.40 -11.46 -20.71
N ILE A 308 12.93 -10.24 -20.85
CA ILE A 308 12.15 -8.99 -20.76
C ILE A 308 10.97 -8.90 -21.75
N ASP A 309 11.20 -9.22 -23.02
CA ASP A 309 10.19 -9.14 -24.09
C ASP A 309 9.12 -10.18 -23.90
N ARG A 310 9.53 -11.36 -23.40
CA ARG A 310 8.63 -12.50 -23.14
C ARG A 310 7.72 -12.32 -21.90
N VAL A 311 8.32 -11.86 -20.80
CA VAL A 311 7.62 -11.64 -19.52
C VAL A 311 6.98 -10.23 -19.34
N ILE A 312 7.52 -9.20 -19.99
CA ILE A 312 7.02 -7.83 -19.77
C ILE A 312 6.59 -7.08 -21.08
N GLY A 313 7.26 -7.39 -22.18
CA GLY A 313 6.87 -6.87 -23.48
C GLY A 313 7.49 -5.53 -23.72
N PRO A 314 7.22 -4.95 -24.91
CA PRO A 314 7.94 -3.75 -25.31
C PRO A 314 7.79 -2.59 -24.33
N SER A 315 6.67 -2.49 -23.60
CA SER A 315 6.36 -1.21 -22.97
C SER A 315 5.81 -1.13 -21.57
N ARG A 316 5.20 -2.21 -21.08
CA ARG A 316 4.58 -2.23 -19.76
C ARG A 316 5.69 -1.94 -18.76
N ILE A 317 5.45 -1.07 -17.78
CA ILE A 317 6.51 -0.69 -16.80
C ILE A 317 6.90 -1.94 -15.96
N PRO A 318 8.22 -2.19 -15.74
CA PRO A 318 8.65 -3.31 -14.89
C PRO A 318 8.21 -3.16 -13.43
N ALA A 319 7.86 -4.27 -12.77
CA ALA A 319 7.42 -4.24 -11.36
C ALA A 319 8.16 -5.26 -10.46
N ILE A 320 8.00 -5.19 -9.14
CA ILE A 320 8.64 -6.19 -8.29
C ILE A 320 8.08 -7.62 -8.49
N LYS A 321 6.78 -7.72 -8.77
CA LYS A 321 6.11 -9.00 -9.06
C LYS A 321 6.72 -9.77 -10.26
N ASP A 322 7.40 -9.07 -11.18
CA ASP A 322 8.04 -9.68 -12.39
C ASP A 322 9.32 -10.49 -12.07
N ARG A 323 9.91 -10.23 -10.90
CA ARG A 323 11.12 -10.90 -10.39
C ARG A 323 11.04 -12.44 -10.30
N GLN A 324 9.97 -12.94 -9.67
CA GLN A 324 9.75 -14.37 -9.46
C GLN A 324 9.62 -15.13 -10.76
N GLU A 325 9.51 -14.38 -11.86
CA GLU A 325 9.08 -14.83 -13.16
C GLU A 325 10.25 -14.73 -14.17
N MET A 326 11.29 -13.95 -13.80
CA MET A 326 12.53 -13.74 -14.59
C MET A 326 13.77 -14.30 -13.89
N PRO A 327 13.98 -15.64 -13.95
CA PRO A 327 15.08 -16.22 -13.17
C PRO A 327 16.48 -15.79 -13.69
N TYR A 328 16.57 -15.45 -14.98
CA TYR A 328 17.82 -14.97 -15.59
C TYR A 328 18.29 -13.55 -15.16
N MET A 329 17.37 -12.61 -15.13
CA MET A 329 17.58 -11.29 -14.57
C MET A 329 17.95 -11.35 -13.08
N ASP A 330 17.22 -12.19 -12.36
CA ASP A 330 17.49 -12.30 -10.96
C ASP A 330 18.94 -12.76 -10.77
N ALA A 331 19.43 -13.67 -11.61
CA ALA A 331 20.81 -14.16 -11.44
C ALA A 331 21.88 -13.16 -11.91
N VAL A 332 21.50 -12.16 -12.69
CA VAL A 332 22.48 -11.24 -13.20
C VAL A 332 22.66 -10.09 -12.21
N VAL A 333 21.55 -9.64 -11.65
CA VAL A 333 21.44 -8.64 -10.63
C VAL A 333 22.18 -9.09 -9.38
N HIS A 334 22.05 -10.37 -9.08
CA HIS A 334 22.79 -11.02 -8.00
C HIS A 334 24.27 -11.14 -8.30
N GLU A 335 24.61 -11.54 -9.52
CA GLU A 335 25.98 -11.70 -9.96
C GLU A 335 26.66 -10.35 -10.22
N ILE A 336 25.94 -9.31 -10.62
CA ILE A 336 26.61 -8.02 -10.80
C ILE A 336 27.16 -7.71 -9.43
N GLN A 337 26.32 -7.79 -8.39
CA GLN A 337 26.72 -7.51 -7.01
C GLN A 337 27.81 -8.46 -6.52
N ARG A 338 27.63 -9.76 -6.72
CA ARG A 338 28.62 -10.74 -6.29
C ARG A 338 30.04 -10.45 -6.83
N PHE A 339 30.14 -10.21 -8.13
CA PHE A 339 31.37 -10.11 -8.89
C PHE A 339 32.16 -8.81 -8.57
N ILE A 340 31.44 -7.75 -8.26
CA ILE A 340 32.07 -6.45 -8.25
C ILE A 340 32.50 -6.06 -6.86
N THR A 341 31.94 -6.79 -5.87
CA THR A 341 32.37 -6.76 -4.48
C THR A 341 32.60 -5.29 -4.15
N LEU A 342 31.49 -4.55 -4.11
CA LEU A 342 31.52 -3.10 -4.07
C LEU A 342 32.22 -2.59 -2.80
N VAL A 343 31.83 -3.10 -1.66
CA VAL A 343 32.54 -2.79 -0.43
C VAL A 343 33.23 -4.07 0.14
N PRO A 344 34.49 -4.35 -0.32
CA PRO A 344 35.19 -5.66 -0.25
C PRO A 344 35.78 -6.05 1.12
N SER A 345 35.99 -5.05 1.97
CA SER A 345 36.50 -5.25 3.29
C SER A 345 35.40 -4.93 4.30
N ASN A 346 34.20 -4.71 3.77
CA ASN A 346 33.06 -4.34 4.60
C ASN A 346 33.27 -2.89 5.16
N LEU A 347 32.43 -2.50 6.11
CA LEU A 347 32.68 -1.35 6.94
C LEU A 347 33.25 -1.91 8.23
N PRO A 348 34.25 -1.22 8.82
CA PRO A 348 34.95 -1.76 9.99
C PRO A 348 34.13 -1.87 11.27
N HIS A 349 34.22 -3.03 11.93
CA HIS A 349 33.54 -3.24 13.19
C HIS A 349 34.51 -2.97 14.35
N GLU A 350 33.99 -2.79 15.56
CA GLU A 350 34.87 -2.83 16.76
C GLU A 350 34.22 -3.50 17.99
N ALA A 351 35.06 -4.23 18.75
CA ALA A 351 34.68 -4.86 20.01
C ALA A 351 34.18 -3.83 21.04
N THR A 352 32.92 -4.01 21.43
CA THR A 352 32.22 -3.16 22.38
C THR A 352 32.67 -3.54 23.77
N ARG A 353 33.21 -4.77 23.87
CA ARG A 353 33.50 -5.53 25.11
C ARG A 353 34.80 -6.34 24.84
N ASP A 354 35.63 -6.61 25.87
CA ASP A 354 36.61 -7.73 25.80
C ASP A 354 35.81 -9.01 25.50
N THR A 355 36.27 -9.81 24.54
CA THR A 355 35.55 -11.08 24.20
C THR A 355 36.42 -12.25 23.75
N ILE A 356 35.84 -13.45 23.76
CA ILE A 356 36.54 -14.65 23.27
C ILE A 356 35.93 -15.11 21.98
N PHE A 357 36.80 -15.32 20.99
CA PHE A 357 36.41 -15.76 19.66
C PHE A 357 37.13 -17.05 19.37
N ARG A 358 36.39 -18.07 18.92
CA ARG A 358 36.92 -19.44 18.83
C ARG A 358 37.87 -19.64 20.05
N GLY A 359 39.18 -19.68 19.87
CA GLY A 359 40.03 -19.78 21.06
C GLY A 359 40.63 -18.49 21.66
N TYR A 360 40.42 -17.33 21.03
CA TYR A 360 41.30 -16.17 21.23
C TYR A 360 40.72 -14.97 21.98
N LEU A 361 41.59 -14.14 22.56
CA LEU A 361 41.15 -12.88 23.19
C LEU A 361 41.13 -11.72 22.17
N ILE A 362 39.99 -11.03 22.15
CA ILE A 362 39.83 -9.75 21.47
C ILE A 362 39.36 -8.64 22.47
N PRO A 363 40.30 -7.75 22.89
CA PRO A 363 40.04 -6.58 23.76
C PRO A 363 39.00 -5.61 23.24
N LYS A 364 38.33 -4.90 24.14
CA LYS A 364 37.49 -3.76 23.82
C LYS A 364 38.29 -2.82 22.92
N GLY A 365 37.68 -2.29 21.86
CA GLY A 365 38.36 -1.31 20.99
C GLY A 365 39.23 -1.88 19.85
N THR A 366 39.29 -3.19 19.77
CA THR A 366 39.81 -3.82 18.57
C THR A 366 38.83 -3.64 17.36
N VAL A 367 39.38 -3.16 16.23
CA VAL A 367 38.70 -3.08 14.96
C VAL A 367 38.56 -4.53 14.43
N VAL A 368 37.35 -4.92 14.06
CA VAL A 368 37.08 -6.29 13.60
C VAL A 368 36.64 -6.22 12.15
N VAL A 369 37.44 -6.82 11.27
CA VAL A 369 37.15 -6.79 9.85
C VAL A 369 36.54 -8.10 9.37
N PRO A 370 35.20 -8.12 9.20
CA PRO A 370 34.57 -9.31 8.63
C PRO A 370 34.52 -9.13 7.11
N THR A 371 35.57 -9.56 6.43
CA THR A 371 35.77 -9.25 5.02
C THR A 371 34.70 -9.88 4.16
N LEU A 372 34.17 -9.12 3.19
CA LEU A 372 33.07 -9.64 2.36
C LEU A 372 33.48 -10.28 1.06
N ASP A 373 34.46 -9.75 0.36
CA ASP A 373 34.90 -10.40 -0.90
C ASP A 373 35.33 -11.85 -0.71
N SER A 374 35.95 -12.18 0.41
CA SER A 374 36.28 -13.58 0.71
C SER A 374 35.03 -14.47 0.76
N VAL A 375 33.87 -13.90 1.06
CA VAL A 375 32.64 -14.67 1.15
C VAL A 375 32.04 -14.78 -0.24
N LEU A 376 31.77 -13.61 -0.81
CA LEU A 376 31.37 -13.43 -2.19
C LEU A 376 32.25 -14.17 -3.22
N TYR A 377 33.56 -14.28 -2.97
CA TYR A 377 34.42 -15.06 -3.84
C TYR A 377 34.75 -16.52 -3.39
N ASP A 378 33.84 -17.19 -2.67
CA ASP A 378 34.14 -18.58 -2.24
C ASP A 378 34.35 -19.53 -3.43
N ASN A 379 35.52 -20.16 -3.53
CA ASN A 379 35.72 -21.10 -4.64
C ASN A 379 34.82 -22.36 -4.66
N GLN A 380 34.31 -22.80 -3.50
CA GLN A 380 33.32 -23.92 -3.41
C GLN A 380 31.85 -23.55 -3.71
N GLU A 381 31.35 -22.43 -3.17
CA GLU A 381 30.02 -21.92 -3.54
C GLU A 381 29.90 -21.59 -5.04
N PHE A 382 30.90 -20.88 -5.57
CA PHE A 382 30.82 -20.36 -6.92
C PHE A 382 32.02 -20.76 -7.74
N PRO A 383 32.03 -21.99 -8.33
CA PRO A 383 33.29 -22.37 -9.04
C PRO A 383 33.72 -21.30 -10.09
N ASP A 384 35.03 -21.04 -10.19
CA ASP A 384 35.57 -19.92 -10.96
C ASP A 384 34.98 -18.57 -10.54
N PRO A 385 35.28 -18.12 -9.30
CA PRO A 385 34.76 -16.87 -8.70
C PRO A 385 35.25 -15.62 -9.36
N GLU A 386 36.44 -15.72 -9.97
CA GLU A 386 37.02 -14.67 -10.78
C GLU A 386 36.23 -14.37 -12.07
N LYS A 387 35.37 -15.28 -12.53
CA LYS A 387 34.65 -15.05 -13.77
C LYS A 387 33.24 -14.50 -13.50
N PHE A 388 32.78 -13.54 -14.31
CA PHE A 388 31.37 -13.20 -14.29
C PHE A 388 30.60 -14.34 -14.93
N LYS A 389 29.66 -14.88 -14.19
CA LYS A 389 28.96 -16.07 -14.63
C LYS A 389 27.57 -16.08 -13.99
N PRO A 390 26.55 -15.65 -14.76
CA PRO A 390 25.16 -15.68 -14.27
C PRO A 390 24.74 -17.01 -13.67
N GLU A 391 25.21 -18.12 -14.23
CA GLU A 391 24.86 -19.45 -13.74
C GLU A 391 25.40 -19.79 -12.34
N HIS A 392 26.00 -18.81 -11.66
CA HIS A 392 26.34 -18.82 -10.21
C HIS A 392 25.10 -18.71 -9.31
N PHE A 393 23.98 -18.29 -9.89
CA PHE A 393 22.70 -18.18 -9.22
C PHE A 393 21.56 -18.86 -10.00
N LEU A 394 21.87 -19.93 -10.73
CA LEU A 394 20.92 -20.73 -11.50
C LEU A 394 21.26 -22.21 -11.33
N ASN A 395 20.27 -23.04 -10.94
CA ASN A 395 20.44 -24.51 -11.02
C ASN A 395 20.56 -24.95 -12.50
N GLU A 396 21.11 -26.13 -12.78
CA GLU A 396 21.36 -26.51 -14.22
C GLU A 396 20.05 -26.67 -15.01
N ASN A 397 19.05 -26.03 -14.46
CA ASN A 397 17.68 -26.28 -14.65
C ASN A 397 16.91 -24.94 -14.94
N GLY A 398 17.68 -23.84 -14.91
CA GLY A 398 17.21 -22.50 -15.32
C GLY A 398 16.50 -21.72 -14.23
N LYS A 399 16.22 -22.35 -13.09
CA LYS A 399 15.57 -21.69 -11.95
C LYS A 399 16.62 -20.87 -11.18
N PHE A 400 16.22 -19.78 -10.52
CA PHE A 400 17.12 -19.02 -9.66
C PHE A 400 17.74 -19.91 -8.52
N LYS A 401 19.08 -19.95 -8.37
CA LYS A 401 19.77 -20.59 -7.18
C LYS A 401 20.22 -19.60 -6.05
N TYR A 402 19.43 -19.57 -4.95
CA TYR A 402 19.75 -18.84 -3.73
C TYR A 402 21.09 -19.27 -3.15
N SER A 403 21.84 -18.30 -2.61
CA SER A 403 23.09 -18.58 -1.89
C SER A 403 23.26 -17.87 -0.53
N ASP A 404 23.61 -18.61 0.51
CA ASP A 404 23.74 -17.98 1.84
C ASP A 404 25.00 -17.14 1.84
N TYR A 405 25.73 -17.27 0.74
CA TYR A 405 27.05 -16.69 0.56
C TYR A 405 26.92 -15.36 -0.13
N PHE A 406 25.73 -14.99 -0.54
CA PHE A 406 25.50 -13.68 -1.11
C PHE A 406 25.37 -12.68 0.03
N LYS A 407 26.49 -12.17 0.53
CA LYS A 407 26.45 -11.16 1.58
C LYS A 407 27.07 -9.78 1.20
N PRO A 408 26.63 -9.14 0.09
CA PRO A 408 27.35 -7.92 -0.31
C PRO A 408 26.91 -6.72 0.50
N PHE A 409 25.87 -6.91 1.31
CA PHE A 409 25.35 -5.92 2.23
C PHE A 409 25.72 -6.24 3.65
N SER A 410 26.69 -7.15 3.85
CA SER A 410 26.96 -7.74 5.16
C SER A 410 25.69 -8.46 5.72
N THR A 411 25.60 -8.56 7.05
CA THR A 411 24.45 -9.12 7.81
C THR A 411 24.71 -8.74 9.27
N GLY A 412 23.64 -8.71 10.10
CA GLY A 412 23.76 -8.56 11.55
C GLY A 412 23.26 -7.26 12.15
N LYS A 413 23.69 -6.98 13.40
CA LYS A 413 23.34 -5.74 14.12
C LYS A 413 23.56 -4.46 13.31
N ARG A 414 24.58 -4.48 12.41
CA ARG A 414 24.86 -3.36 11.51
C ARG A 414 24.61 -3.61 10.00
N VAL A 415 23.95 -4.70 9.61
CA VAL A 415 23.45 -4.84 8.23
C VAL A 415 23.01 -3.48 7.54
N CYS A 416 23.47 -3.28 6.30
CA CYS A 416 23.16 -2.12 5.48
C CYS A 416 21.72 -1.70 5.62
N ALA A 417 21.51 -0.41 5.88
CA ALA A 417 20.18 0.08 6.20
C ALA A 417 19.29 0.24 4.96
N GLY A 418 19.95 0.20 3.80
CA GLY A 418 19.34 0.50 2.52
C GLY A 418 19.13 -0.70 1.65
N GLU A 419 19.48 -1.87 2.18
CA GLU A 419 19.34 -3.16 1.47
C GLU A 419 18.10 -3.34 0.56
N GLY A 420 16.91 -3.30 1.15
CA GLY A 420 15.67 -3.49 0.39
C GLY A 420 15.45 -2.52 -0.77
N LEU A 421 15.75 -1.25 -0.54
CA LEU A 421 15.70 -0.21 -1.50
C LEU A 421 16.71 -0.44 -2.68
N ALA A 422 18.01 -0.42 -2.36
CA ALA A 422 19.06 -0.85 -3.29
C ALA A 422 18.69 -2.07 -4.17
N ARG A 423 18.23 -3.17 -3.55
CA ARG A 423 17.90 -4.39 -4.30
C ARG A 423 16.73 -4.27 -5.27
N MET A 424 15.78 -3.42 -4.91
CA MET A 424 14.63 -3.15 -5.73
C MET A 424 15.06 -2.23 -6.88
N GLU A 425 15.94 -1.27 -6.54
CA GLU A 425 16.57 -0.35 -7.50
C GLU A 425 17.35 -1.08 -8.58
N LEU A 426 18.31 -1.90 -8.19
CA LEU A 426 19.11 -2.59 -9.19
C LEU A 426 18.21 -3.38 -10.14
N PHE A 427 17.17 -4.02 -9.62
CA PHE A 427 16.26 -4.81 -10.46
C PHE A 427 15.39 -4.01 -11.41
N LEU A 428 14.60 -3.11 -10.85
CA LEU A 428 13.64 -2.33 -11.61
C LEU A 428 14.31 -1.46 -12.63
N LEU A 429 15.43 -0.86 -12.23
CA LEU A 429 16.21 0.01 -13.09
C LEU A 429 16.98 -0.69 -14.21
N LEU A 430 17.71 -1.76 -13.88
CA LEU A 430 18.33 -2.55 -14.91
C LEU A 430 17.29 -2.98 -15.94
N CYS A 431 16.14 -3.49 -15.45
CA CYS A 431 15.01 -3.88 -16.30
C CYS A 431 14.53 -2.77 -17.23
N ALA A 432 14.34 -1.59 -16.66
CA ALA A 432 13.83 -0.44 -17.42
C ALA A 432 14.82 -0.09 -18.54
N ILE A 433 16.09 0.03 -18.18
CA ILE A 433 17.15 0.30 -19.14
C ILE A 433 17.15 -0.63 -20.32
N LEU A 434 17.15 -1.94 -20.08
CA LEU A 434 17.35 -2.93 -21.17
C LEU A 434 16.12 -3.21 -22.04
N GLN A 435 14.93 -3.00 -21.48
CA GLN A 435 13.66 -3.02 -22.19
C GLN A 435 13.65 -2.06 -23.36
N HIS A 436 14.24 -0.88 -23.15
CA HIS A 436 14.12 0.25 -24.08
C HIS A 436 15.35 0.51 -24.91
N PHE A 437 16.50 -0.03 -24.52
CA PHE A 437 17.73 0.27 -25.22
C PHE A 437 18.62 -0.97 -25.25
N ASN A 438 19.55 -1.01 -26.21
CA ASN A 438 20.68 -1.93 -26.13
C ASN A 438 21.92 -1.11 -25.83
N LEU A 439 22.86 -1.74 -25.17
CA LEU A 439 24.15 -1.14 -24.93
C LEU A 439 25.08 -1.29 -26.15
N LYS A 440 25.82 -0.22 -26.42
CA LYS A 440 26.82 -0.19 -27.49
C LYS A 440 28.09 0.40 -26.85
N PRO A 441 29.20 -0.36 -26.78
CA PRO A 441 30.44 0.18 -26.20
C PRO A 441 31.31 0.82 -27.28
N LEU A 442 32.38 1.49 -26.90
CA LEU A 442 33.25 2.05 -27.92
C LEU A 442 34.57 1.31 -28.12
N VAL A 443 34.65 0.07 -27.66
CA VAL A 443 35.84 -0.77 -27.81
C VAL A 443 35.24 -2.16 -27.97
N ASP A 444 36.04 -3.14 -28.43
CA ASP A 444 35.54 -4.50 -28.65
C ASP A 444 35.27 -5.22 -27.31
N PRO A 445 34.09 -5.86 -27.18
CA PRO A 445 33.74 -6.72 -26.04
C PRO A 445 34.87 -7.58 -25.51
N LYS A 446 35.61 -8.21 -26.40
CA LYS A 446 36.86 -8.90 -26.05
C LYS A 446 37.92 -8.01 -25.31
N ASP A 447 37.92 -6.70 -25.54
CA ASP A 447 38.98 -5.77 -25.03
C ASP A 447 38.70 -5.05 -23.73
N ILE A 448 37.53 -5.28 -23.16
CA ILE A 448 37.13 -4.62 -21.93
C ILE A 448 37.84 -5.20 -20.69
N ASP A 449 38.64 -4.38 -20.02
CA ASP A 449 39.01 -4.66 -18.63
C ASP A 449 37.85 -4.30 -17.64
N LEU A 450 37.43 -5.31 -16.93
CA LEU A 450 36.39 -5.28 -15.94
C LEU A 450 36.96 -5.09 -14.54
N SER A 451 38.29 -5.23 -14.39
CA SER A 451 39.04 -5.10 -13.11
C SER A 451 38.85 -3.69 -12.54
N PRO A 452 38.59 -3.58 -11.21
CA PRO A 452 38.55 -2.25 -10.59
C PRO A 452 39.84 -1.43 -10.78
N ILE A 453 39.72 -0.17 -11.18
CA ILE A 453 40.88 0.73 -11.21
C ILE A 453 41.39 1.21 -9.82
N HIS A 454 40.51 1.34 -8.84
CA HIS A 454 40.91 1.67 -7.48
C HIS A 454 40.21 0.73 -6.52
N ILE A 455 40.97 0.20 -5.55
CA ILE A 455 40.51 -0.78 -4.52
C ILE A 455 40.95 -0.36 -3.07
N GLY A 456 39.97 -0.01 -2.26
CA GLY A 456 40.22 0.34 -0.88
C GLY A 456 38.94 0.26 -0.09
N PHE A 457 38.32 1.42 0.08
CA PHE A 457 37.02 1.57 0.69
C PHE A 457 35.95 0.87 -0.16
N GLY A 458 35.93 1.19 -1.45
CA GLY A 458 35.15 0.46 -2.41
C GLY A 458 35.97 -0.16 -3.54
N CYS A 459 35.27 -0.85 -4.41
CA CYS A 459 35.84 -1.19 -5.66
C CYS A 459 35.23 -0.26 -6.71
N ILE A 460 36.08 0.62 -7.29
CA ILE A 460 35.79 1.62 -8.33
C ILE A 460 36.10 1.06 -9.72
N PRO A 461 35.09 1.04 -10.62
CA PRO A 461 35.20 0.48 -12.00
C PRO A 461 35.97 1.39 -12.96
N PRO A 462 36.53 0.82 -14.05
CA PRO A 462 37.09 1.67 -15.11
C PRO A 462 36.05 2.68 -15.59
N ARG A 463 36.55 3.84 -16.01
CA ARG A 463 35.79 4.94 -16.60
C ARG A 463 35.62 4.55 -18.07
N TYR A 464 34.43 4.65 -18.62
CA TYR A 464 34.23 4.32 -20.00
C TYR A 464 33.15 5.19 -20.57
N LYS A 465 33.02 5.13 -21.89
CA LYS A 465 31.83 5.69 -22.55
C LYS A 465 30.99 4.61 -23.28
N LEU A 466 29.71 4.91 -23.45
CA LEU A 466 28.83 4.07 -24.26
C LEU A 466 27.68 4.80 -24.96
N CYS A 467 27.01 4.03 -25.82
CA CYS A 467 25.83 4.46 -26.51
C CYS A 467 24.67 3.54 -26.15
N VAL A 468 23.51 4.17 -26.05
CA VAL A 468 22.25 3.48 -25.83
C VAL A 468 21.40 3.65 -27.07
N ILE A 469 20.93 2.51 -27.59
CA ILE A 469 20.24 2.44 -28.88
C ILE A 469 18.78 2.04 -28.66
N PRO A 470 17.82 3.00 -28.81
CA PRO A 470 16.40 2.80 -28.57
C PRO A 470 15.82 1.49 -29.14
N ARG A 471 14.89 0.88 -28.43
CA ARG A 471 14.25 -0.36 -28.89
C ARG A 471 12.85 -0.14 -29.40
N SER A 472 12.29 1.03 -29.17
CA SER A 472 10.88 1.28 -29.44
C SER A 472 10.71 2.66 -30.07
N LYS B 10 -5.68 15.78 22.91
CA LYS B 10 -5.20 15.01 21.72
C LYS B 10 -6.25 14.01 21.06
N LEU B 11 -6.87 13.08 21.82
CA LEU B 11 -8.07 12.31 21.33
C LEU B 11 -9.34 13.23 21.28
N PRO B 12 -10.19 13.15 20.20
CA PRO B 12 -11.36 14.08 20.16
C PRO B 12 -12.20 13.96 21.44
N PRO B 13 -12.90 15.04 21.85
CA PRO B 13 -13.62 14.93 23.13
C PRO B 13 -14.71 13.82 23.12
N GLY B 14 -15.05 13.30 24.29
CA GLY B 14 -16.01 12.21 24.42
C GLY B 14 -16.26 11.93 25.87
N PRO B 15 -17.30 11.17 26.20
CA PRO B 15 -17.62 10.86 27.62
C PRO B 15 -16.54 10.05 28.37
N PHE B 16 -16.49 10.19 29.68
CA PHE B 16 -15.60 9.35 30.46
C PHE B 16 -16.03 7.87 30.39
N PRO B 17 -15.25 7.05 29.65
CA PRO B 17 -15.41 5.60 29.41
C PRO B 17 -15.28 4.80 30.68
N LEU B 18 -16.19 3.89 30.93
CA LEU B 18 -16.10 3.12 32.15
C LEU B 18 -15.21 1.88 31.90
N PRO B 19 -14.70 1.27 33.00
CA PRO B 19 -14.04 0.00 32.97
C PRO B 19 -14.90 -1.05 32.28
N ILE B 20 -14.25 -1.77 31.36
CA ILE B 20 -14.80 -2.89 30.60
C ILE B 20 -15.95 -2.54 29.60
N ILE B 21 -16.97 -1.82 30.02
CA ILE B 21 -18.03 -1.53 29.07
C ILE B 21 -17.70 -0.37 28.15
N GLY B 22 -16.72 0.44 28.51
CA GLY B 22 -16.51 1.75 27.85
C GLY B 22 -17.72 2.70 27.99
N ASN B 23 -18.12 3.27 26.88
CA ASN B 23 -19.26 4.17 26.87
C ASN B 23 -20.64 3.56 26.58
N LEU B 24 -20.73 2.23 26.65
CA LEU B 24 -21.95 1.51 26.40
C LEU B 24 -23.20 2.22 26.91
N PHE B 25 -23.20 2.69 28.16
CA PHE B 25 -24.32 3.47 28.78
C PHE B 25 -24.82 4.78 28.09
N GLN B 26 -23.97 5.47 27.33
CA GLN B 26 -24.46 6.53 26.43
C GLN B 26 -25.28 6.02 25.25
N LEU B 27 -25.11 4.76 24.87
CA LEU B 27 -25.83 4.22 23.73
C LEU B 27 -27.15 3.57 24.07
N GLU B 28 -28.12 3.84 23.20
CA GLU B 28 -29.42 3.22 23.21
C GLU B 28 -29.33 2.21 22.08
N LEU B 29 -29.24 0.93 22.41
CA LEU B 29 -28.85 -0.09 21.42
C LEU B 29 -29.85 -0.34 20.29
N LYS B 30 -31.11 0.01 20.55
CA LYS B 30 -32.21 -0.18 19.61
C LYS B 30 -32.23 1.01 18.64
N ASN B 31 -31.40 2.02 18.96
CA ASN B 31 -31.25 3.24 18.18
C ASN B 31 -29.91 4.01 18.39
N ILE B 32 -28.83 3.36 17.96
CA ILE B 32 -27.49 3.94 17.87
C ILE B 32 -27.42 5.32 17.17
N PRO B 33 -27.89 5.45 15.88
CA PRO B 33 -27.89 6.78 15.23
C PRO B 33 -28.43 7.99 16.03
N LYS B 34 -29.51 7.80 16.78
CA LYS B 34 -30.12 8.87 17.57
C LYS B 34 -29.25 9.29 18.77
N SER B 35 -28.61 8.33 19.41
CA SER B 35 -27.58 8.55 20.40
C SER B 35 -26.29 9.23 19.85
N PHE B 36 -25.83 8.89 18.63
CA PHE B 36 -24.77 9.62 17.95
C PHE B 36 -25.15 11.10 17.86
N THR B 37 -26.35 11.41 17.36
CA THR B 37 -26.87 12.79 17.36
C THR B 37 -26.96 13.43 18.75
N ARG B 38 -27.28 12.62 19.77
CA ARG B 38 -27.28 13.07 21.19
C ARG B 38 -25.87 13.55 21.56
N LEU B 39 -24.86 12.81 21.12
CA LEU B 39 -23.49 13.06 21.51
C LEU B 39 -22.78 14.18 20.71
N ALA B 40 -23.24 14.46 19.49
CA ALA B 40 -22.83 15.66 18.73
C ALA B 40 -23.40 16.98 19.32
N GLN B 41 -24.67 16.91 19.78
CA GLN B 41 -25.35 17.91 20.64
C GLN B 41 -24.44 18.35 21.77
N ARG B 42 -23.76 17.38 22.38
CA ARG B 42 -22.97 17.59 23.57
C ARG B 42 -21.50 17.96 23.30
N PHE B 43 -20.79 17.17 22.50
CA PHE B 43 -19.35 17.32 22.27
C PHE B 43 -18.98 18.01 20.95
N GLY B 44 -19.98 18.27 20.11
CA GLY B 44 -19.72 18.79 18.80
C GLY B 44 -19.54 17.66 17.83
N PRO B 45 -19.06 17.99 16.60
CA PRO B 45 -19.14 17.21 15.37
C PRO B 45 -18.09 16.09 15.27
N VAL B 46 -17.13 16.11 16.18
CA VAL B 46 -16.12 15.06 16.21
C VAL B 46 -15.98 14.58 17.65
N PHE B 47 -16.34 13.33 17.90
CA PHE B 47 -16.14 12.76 19.21
C PHE B 47 -15.63 11.35 19.24
N THR B 48 -15.00 11.04 20.37
CA THR B 48 -14.46 9.74 20.69
C THR B 48 -15.47 8.96 21.55
N LEU B 49 -15.60 7.69 21.24
CA LEU B 49 -16.47 6.80 21.99
C LEU B 49 -15.73 5.47 22.13
N TYR B 50 -15.63 4.92 23.34
CA TYR B 50 -15.14 3.52 23.48
C TYR B 50 -16.34 2.70 23.77
N VAL B 51 -16.66 1.78 22.90
CA VAL B 51 -17.72 0.85 23.23
C VAL B 51 -17.14 -0.56 23.14
N GLY B 52 -17.24 -1.28 24.26
CA GLY B 52 -16.42 -2.47 24.46
C GLY B 52 -15.02 -1.96 24.60
N SER B 53 -14.07 -2.63 23.99
CA SER B 53 -12.72 -2.17 24.07
C SER B 53 -12.29 -1.49 22.76
N GLN B 54 -13.13 -1.62 21.72
CA GLN B 54 -12.90 -0.91 20.44
C GLN B 54 -13.13 0.61 20.56
N ARG B 55 -12.11 1.39 20.20
CA ARG B 55 -12.20 2.85 20.15
C ARG B 55 -12.68 3.34 18.79
N MET B 56 -13.65 4.24 18.81
CA MET B 56 -14.12 4.82 17.58
C MET B 56 -14.20 6.33 17.64
N VAL B 57 -14.09 6.90 16.44
CA VAL B 57 -14.38 8.31 16.19
C VAL B 57 -15.56 8.50 15.23
N VAL B 58 -16.52 9.26 15.72
CA VAL B 58 -17.73 9.56 15.05
C VAL B 58 -17.61 10.95 14.43
N MET B 59 -17.83 11.08 13.12
CA MET B 59 -18.12 12.38 12.54
C MET B 59 -19.63 12.58 12.35
N HIS B 60 -20.17 13.76 12.72
CA HIS B 60 -21.62 14.18 12.67
C HIS B 60 -21.83 15.58 11.99
N GLY B 61 -22.71 15.66 11.00
CA GLY B 61 -22.91 16.90 10.25
C GLY B 61 -22.11 16.94 8.97
N TYR B 62 -22.69 17.56 7.96
CA TYR B 62 -22.09 17.60 6.64
C TYR B 62 -20.59 18.02 6.56
N LYS B 63 -20.20 19.20 7.05
CA LYS B 63 -18.78 19.58 7.06
C LYS B 63 -17.80 18.45 7.51
N ALA B 64 -18.03 17.98 8.74
CA ALA B 64 -17.22 16.94 9.40
C ALA B 64 -17.15 15.57 8.68
N VAL B 65 -18.24 15.18 8.00
CA VAL B 65 -18.33 13.91 7.24
C VAL B 65 -17.73 13.96 5.81
N LYS B 66 -17.99 15.03 5.08
CA LYS B 66 -17.30 15.27 3.80
C LYS B 66 -15.75 15.24 3.92
N GLU B 67 -15.20 15.94 4.91
CA GLU B 67 -13.78 15.94 5.17
C GLU B 67 -13.20 14.55 5.38
N ALA B 68 -13.83 13.79 6.27
CA ALA B 68 -13.43 12.44 6.60
C ALA B 68 -13.47 11.53 5.38
N LEU B 69 -14.51 11.67 4.57
CA LEU B 69 -14.66 10.85 3.38
C LEU B 69 -13.78 11.27 2.19
N LEU B 70 -13.61 12.58 1.98
CA LEU B 70 -12.83 13.13 0.83
C LEU B 70 -11.42 13.67 1.16
N ASP B 71 -11.34 14.59 2.12
CA ASP B 71 -10.07 15.20 2.53
C ASP B 71 -9.04 14.20 3.11
N TYR B 72 -9.50 12.97 3.34
CA TYR B 72 -8.70 11.93 3.99
C TYR B 72 -9.07 10.56 3.39
N LYS B 73 -9.12 10.49 2.07
CA LYS B 73 -9.48 9.22 1.39
C LYS B 73 -8.46 8.06 1.53
N ASP B 74 -7.15 8.38 1.59
CA ASP B 74 -6.12 7.35 1.83
C ASP B 74 -6.04 6.86 3.29
N GLU B 75 -6.08 7.80 4.25
CA GLU B 75 -5.86 7.46 5.66
C GLU B 75 -7.06 6.92 6.49
N PHE B 76 -8.29 7.14 6.01
CA PHE B 76 -9.49 6.55 6.66
C PHE B 76 -10.13 5.39 5.89
N SER B 77 -9.43 4.83 4.90
CA SER B 77 -10.07 3.83 4.06
C SER B 77 -10.01 2.37 4.57
N GLY B 78 -9.60 2.18 5.83
CA GLY B 78 -9.82 0.92 6.54
C GLY B 78 -11.29 0.53 6.64
N ARG B 79 -11.55 -0.78 6.82
CA ARG B 79 -12.89 -1.31 7.13
C ARG B 79 -12.89 -1.89 8.53
N GLY B 80 -13.59 -1.22 9.44
CA GLY B 80 -13.78 -1.68 10.80
C GLY B 80 -14.48 -3.02 10.81
N ASP B 81 -14.08 -3.87 11.76
CA ASP B 81 -14.61 -5.20 11.92
C ASP B 81 -16.13 -5.26 12.21
N LEU B 82 -16.73 -6.32 11.71
CA LEU B 82 -18.11 -6.64 11.91
C LEU B 82 -18.13 -8.15 12.09
N PRO B 83 -18.00 -8.64 13.36
CA PRO B 83 -17.79 -10.06 13.77
C PRO B 83 -18.80 -11.09 13.21
N ALA B 84 -20.05 -10.66 13.04
CA ALA B 84 -21.08 -11.36 12.27
C ALA B 84 -20.54 -11.85 10.94
N PHE B 85 -19.66 -11.05 10.38
CA PHE B 85 -19.20 -11.28 9.05
C PHE B 85 -17.77 -11.80 9.01
N HIS B 86 -17.40 -12.61 10.01
CA HIS B 86 -16.12 -13.30 9.99
C HIS B 86 -15.94 -14.21 8.71
N ALA B 87 -16.96 -14.94 8.25
CA ALA B 87 -16.85 -15.67 6.99
C ALA B 87 -16.45 -14.83 5.74
N HIS B 88 -16.44 -13.50 5.91
CA HIS B 88 -16.09 -12.49 4.86
C HIS B 88 -14.80 -11.69 5.15
N ARG B 89 -14.45 -11.54 6.44
CA ARG B 89 -13.32 -10.72 6.91
C ARG B 89 -12.07 -10.84 6.04
N ASP B 90 -11.58 -9.68 5.60
CA ASP B 90 -10.34 -9.53 4.83
C ASP B 90 -10.26 -10.25 3.49
N ARG B 91 -11.39 -10.74 3.01
CA ARG B 91 -11.54 -11.22 1.63
C ARG B 91 -12.60 -10.31 1.03
N GLY B 92 -12.88 -10.48 -0.25
CA GLY B 92 -14.00 -9.79 -0.88
C GLY B 92 -13.84 -8.28 -0.98
N ILE B 93 -14.94 -7.55 -0.86
CA ILE B 93 -14.85 -6.10 -0.78
C ILE B 93 -15.38 -5.41 0.52
N ILE B 94 -16.66 -5.61 0.85
CA ILE B 94 -17.32 -4.85 1.91
C ILE B 94 -16.60 -5.00 3.25
N PHE B 95 -16.16 -6.23 3.53
CA PHE B 95 -15.67 -6.63 4.85
C PHE B 95 -14.20 -6.84 4.85
N ASN B 96 -13.57 -6.27 3.81
CA ASN B 96 -12.18 -6.44 3.47
C ASN B 96 -11.30 -5.30 4.00
N ASN B 97 -10.55 -5.59 5.07
CA ASN B 97 -9.55 -4.64 5.57
C ASN B 97 -8.12 -5.03 5.20
N GLY B 98 -7.96 -6.06 4.38
CA GLY B 98 -6.64 -6.58 4.10
C GLY B 98 -5.98 -5.89 2.93
N PRO B 99 -4.82 -6.44 2.49
CA PRO B 99 -4.08 -5.93 1.31
C PRO B 99 -4.70 -6.38 -0.01
N THR B 100 -5.73 -7.21 0.04
CA THR B 100 -6.40 -7.67 -1.20
C THR B 100 -7.44 -6.65 -1.72
N TRP B 101 -7.58 -5.52 -0.98
CA TRP B 101 -8.71 -4.63 -1.19
C TRP B 101 -8.69 -3.80 -2.50
N LYS B 102 -7.76 -2.85 -2.64
CA LYS B 102 -7.74 -1.93 -3.81
C LYS B 102 -7.93 -2.67 -5.11
N ASP B 103 -7.20 -3.77 -5.23
CA ASP B 103 -7.10 -4.49 -6.48
C ASP B 103 -8.39 -5.25 -6.83
N ILE B 104 -8.89 -6.04 -5.90
CA ILE B 104 -10.20 -6.65 -6.08
C ILE B 104 -11.30 -5.63 -6.38
N ARG B 105 -11.35 -4.55 -5.59
CA ARG B 105 -12.32 -3.47 -5.79
C ARG B 105 -12.22 -2.68 -7.13
N ARG B 106 -11.02 -2.47 -7.67
CA ARG B 106 -10.92 -1.74 -8.92
C ARG B 106 -11.28 -2.61 -10.11
N PHE B 107 -11.06 -3.91 -10.00
CA PHE B 107 -11.31 -4.79 -11.12
C PHE B 107 -12.79 -5.06 -11.33
N SER B 108 -13.49 -5.19 -10.19
CA SER B 108 -14.90 -5.54 -10.11
C SER B 108 -15.73 -4.37 -10.54
N LEU B 109 -15.27 -3.18 -10.17
CA LEU B 109 -15.89 -1.93 -10.60
C LEU B 109 -15.75 -1.73 -12.11
N THR B 110 -14.64 -2.22 -12.67
CA THR B 110 -14.38 -2.21 -14.11
C THR B 110 -15.46 -3.07 -14.79
N THR B 111 -15.54 -4.32 -14.32
CA THR B 111 -16.47 -5.34 -14.86
C THR B 111 -17.93 -4.91 -14.81
N LEU B 112 -18.38 -4.41 -13.66
CA LEU B 112 -19.71 -3.78 -13.52
C LEU B 112 -20.05 -2.79 -14.64
N ARG B 113 -19.05 -2.03 -15.12
CA ARG B 113 -19.24 -1.03 -16.19
C ARG B 113 -19.32 -1.61 -17.64
N ASN B 114 -18.54 -2.64 -17.94
CA ASN B 114 -18.54 -3.32 -19.26
C ASN B 114 -19.81 -4.11 -19.44
N TYR B 115 -20.33 -4.56 -18.29
CA TYR B 115 -21.61 -5.24 -18.22
C TYR B 115 -22.77 -4.27 -18.35
N GLY B 116 -22.43 -3.02 -18.64
CA GLY B 116 -23.39 -2.00 -19.04
C GLY B 116 -23.50 -1.01 -17.93
N LYS B 119 -25.48 2.14 -19.32
CA LYS B 119 -24.92 1.72 -20.61
C LYS B 119 -25.90 0.76 -21.33
N GLN B 120 -25.48 0.21 -22.49
CA GLN B 120 -26.26 -0.68 -23.43
C GLN B 120 -27.12 -1.83 -22.82
N GLY B 121 -26.53 -3.03 -22.79
CA GLY B 121 -27.14 -4.17 -22.12
C GLY B 121 -26.98 -4.07 -20.62
N ASN B 122 -27.49 -2.96 -20.01
CA ASN B 122 -27.66 -2.73 -18.52
C ASN B 122 -28.96 -1.97 -18.18
N GLU B 123 -29.21 -0.87 -18.91
CA GLU B 123 -30.54 -0.23 -19.02
C GLU B 123 -31.52 -1.24 -19.61
N SER B 124 -31.05 -2.01 -20.59
CA SER B 124 -31.89 -3.02 -21.25
C SER B 124 -32.09 -4.23 -20.35
N ARG B 125 -31.11 -4.50 -19.48
CA ARG B 125 -31.21 -5.55 -18.46
C ARG B 125 -32.34 -5.32 -17.42
N ILE B 126 -32.33 -4.12 -16.82
CA ILE B 126 -33.33 -3.66 -15.85
C ILE B 126 -34.74 -3.64 -16.47
N GLN B 127 -34.79 -3.10 -17.70
CA GLN B 127 -35.93 -3.17 -18.62
C GLN B 127 -36.45 -4.60 -18.85
N ARG B 128 -35.59 -5.55 -19.22
CA ARG B 128 -36.03 -6.95 -19.38
C ARG B 128 -36.68 -7.44 -18.07
N GLU B 129 -36.01 -7.16 -16.96
CA GLU B 129 -36.42 -7.68 -15.67
C GLU B 129 -37.79 -7.16 -15.23
N ALA B 130 -38.17 -6.02 -15.75
CA ALA B 130 -39.42 -5.40 -15.30
C ALA B 130 -40.68 -6.07 -15.88
N HIS B 131 -40.57 -6.56 -17.12
CA HIS B 131 -41.60 -7.35 -17.72
C HIS B 131 -41.98 -8.45 -16.71
N PHE B 132 -40.96 -9.04 -16.05
CA PHE B 132 -41.15 -10.16 -15.08
C PHE B 132 -41.81 -9.72 -13.79
N LEU B 133 -41.32 -8.59 -13.28
CA LEU B 133 -41.83 -7.98 -12.09
C LEU B 133 -43.31 -7.62 -12.21
N LEU B 134 -43.67 -7.03 -13.34
CA LEU B 134 -45.04 -6.60 -13.62
C LEU B 134 -46.02 -7.78 -13.74
N GLU B 135 -45.54 -8.82 -14.41
CA GLU B 135 -46.33 -10.00 -14.66
C GLU B 135 -46.73 -10.60 -13.33
N ALA B 136 -45.75 -10.65 -12.42
CA ALA B 136 -45.97 -11.10 -11.07
C ALA B 136 -46.92 -10.16 -10.37
N LEU B 137 -46.84 -8.86 -10.62
CA LEU B 137 -47.72 -7.91 -9.93
C LEU B 137 -49.18 -8.11 -10.38
N ARG B 138 -49.41 -8.17 -11.70
CA ARG B 138 -50.70 -8.46 -12.31
C ARG B 138 -51.27 -9.74 -11.74
N LYS B 139 -50.44 -10.78 -11.86
CA LYS B 139 -50.63 -12.10 -11.26
C LYS B 139 -51.29 -12.14 -9.85
N THR B 140 -51.09 -11.10 -9.06
CA THR B 140 -51.69 -11.06 -7.71
C THR B 140 -53.15 -10.65 -7.86
N GLN B 141 -53.47 -10.15 -9.05
CA GLN B 141 -54.85 -9.86 -9.44
C GLN B 141 -55.67 -9.14 -8.34
N GLY B 142 -55.17 -7.97 -7.94
CA GLY B 142 -55.83 -7.09 -6.95
C GLY B 142 -56.01 -7.58 -5.53
N GLN B 143 -55.57 -8.80 -5.21
CA GLN B 143 -55.58 -9.33 -3.82
C GLN B 143 -54.42 -8.77 -2.95
N PRO B 144 -54.62 -8.71 -1.60
CA PRO B 144 -53.55 -8.36 -0.65
C PRO B 144 -52.34 -9.30 -0.71
N PHE B 145 -51.15 -8.74 -0.74
CA PHE B 145 -49.91 -9.51 -0.69
C PHE B 145 -48.80 -8.79 0.12
N ASP B 146 -48.01 -9.56 0.84
CA ASP B 146 -46.72 -9.04 1.26
C ASP B 146 -45.77 -8.85 0.03
N PRO B 147 -45.34 -7.60 -0.23
CA PRO B 147 -44.43 -7.29 -1.33
C PRO B 147 -42.97 -7.75 -1.15
N THR B 148 -42.50 -7.88 0.09
CA THR B 148 -41.12 -8.30 0.39
C THR B 148 -40.52 -9.31 -0.60
N PHE B 149 -41.09 -10.49 -0.72
CA PHE B 149 -40.46 -11.42 -1.63
C PHE B 149 -41.02 -11.44 -3.07
N LEU B 150 -41.56 -10.32 -3.54
CA LEU B 150 -41.98 -10.22 -4.93
C LEU B 150 -41.11 -9.15 -5.62
N ILE B 151 -41.29 -7.90 -5.18
CA ILE B 151 -40.36 -6.79 -5.43
C ILE B 151 -38.82 -7.08 -5.35
N GLY B 152 -38.42 -8.04 -4.49
CA GLY B 152 -37.00 -8.45 -4.34
C GLY B 152 -36.37 -9.24 -5.50
N CYS B 153 -37.18 -10.02 -6.18
CA CYS B 153 -36.67 -10.81 -7.28
C CYS B 153 -36.07 -9.96 -8.41
N ALA B 154 -36.66 -8.77 -8.57
CA ALA B 154 -36.25 -7.86 -9.61
C ALA B 154 -34.80 -7.46 -9.45
N PRO B 155 -34.44 -6.84 -8.30
CA PRO B 155 -33.03 -6.51 -8.12
C PRO B 155 -32.17 -7.77 -7.97
N CYS B 156 -32.78 -8.83 -7.47
CA CYS B 156 -32.09 -10.08 -7.30
C CYS B 156 -31.56 -10.64 -8.61
N ASN B 157 -32.49 -10.88 -9.53
CA ASN B 157 -32.18 -11.31 -10.89
C ASN B 157 -31.13 -10.50 -11.64
N VAL B 158 -31.29 -9.18 -11.61
CA VAL B 158 -30.34 -8.26 -12.25
C VAL B 158 -28.90 -8.50 -11.80
N ILE B 159 -28.66 -8.53 -10.48
CA ILE B 159 -27.32 -8.83 -9.96
C ILE B 159 -26.94 -10.29 -10.14
N ALA B 160 -27.93 -11.19 -10.12
CA ALA B 160 -27.77 -12.62 -10.44
C ALA B 160 -27.33 -12.83 -11.88
N ASP B 161 -27.79 -11.98 -12.78
CA ASP B 161 -27.42 -12.08 -14.18
C ASP B 161 -26.01 -11.56 -14.43
N ILE B 162 -25.71 -10.33 -13.97
CA ILE B 162 -24.30 -9.83 -13.96
C ILE B 162 -23.33 -10.84 -13.33
N LEU B 163 -23.76 -11.44 -12.22
CA LEU B 163 -22.91 -12.33 -11.48
C LEU B 163 -22.74 -13.70 -12.07
N PHE B 164 -23.85 -14.32 -12.49
CA PHE B 164 -23.93 -15.76 -12.83
C PHE B 164 -24.62 -16.07 -14.17
N ARG B 165 -24.82 -15.08 -15.04
CA ARG B 165 -25.86 -15.13 -16.10
C ARG B 165 -27.05 -16.02 -15.71
N LYS B 166 -27.40 -16.10 -14.44
CA LYS B 166 -28.50 -17.00 -14.06
C LYS B 166 -29.85 -16.29 -13.89
N HIS B 167 -30.86 -16.85 -14.54
CA HIS B 167 -32.18 -16.31 -14.36
C HIS B 167 -33.12 -17.24 -13.57
N PHE B 168 -33.94 -16.62 -12.73
CA PHE B 168 -34.80 -17.33 -11.78
C PHE B 168 -36.27 -17.04 -11.99
N ASP B 169 -37.06 -18.08 -11.82
CA ASP B 169 -38.47 -17.89 -11.74
C ASP B 169 -38.79 -17.32 -10.34
N TYR B 170 -39.85 -16.50 -10.25
CA TYR B 170 -40.21 -15.82 -8.97
C TYR B 170 -40.75 -16.71 -7.87
N ASN B 171 -40.85 -18.03 -8.14
CA ASN B 171 -41.34 -19.05 -7.15
C ASN B 171 -40.38 -20.25 -6.91
N ASP B 172 -39.19 -20.24 -7.52
CA ASP B 172 -38.21 -21.29 -7.31
C ASP B 172 -37.74 -21.20 -5.89
N GLU B 173 -37.86 -22.30 -5.14
CA GLU B 173 -37.55 -22.32 -3.68
C GLU B 173 -36.11 -21.87 -3.26
N LYS B 174 -35.08 -22.23 -4.03
CA LYS B 174 -33.69 -21.80 -3.82
C LYS B 174 -33.57 -20.27 -3.74
N PHE B 175 -33.77 -19.61 -4.88
CA PHE B 175 -34.04 -18.18 -5.00
C PHE B 175 -34.76 -17.54 -3.80
N LEU B 176 -35.98 -17.98 -3.49
CA LEU B 176 -36.74 -17.44 -2.33
C LEU B 176 -35.96 -17.52 -1.03
N ARG B 177 -35.30 -18.65 -0.83
CA ARG B 177 -34.61 -18.92 0.42
C ARG B 177 -33.40 -17.97 0.55
N LEU B 178 -32.80 -17.63 -0.58
CA LEU B 178 -31.70 -16.70 -0.63
C LEU B 178 -32.19 -15.30 -0.26
N MET B 179 -33.38 -14.97 -0.73
CA MET B 179 -33.99 -13.73 -0.35
C MET B 179 -34.39 -13.76 1.13
N TYR B 180 -34.94 -14.86 1.59
CA TYR B 180 -35.26 -14.99 3.00
C TYR B 180 -34.05 -14.68 3.89
N LEU B 181 -32.90 -15.20 3.47
CA LEU B 181 -31.67 -15.08 4.22
C LEU B 181 -31.18 -13.64 4.23
N PHE B 182 -31.07 -13.03 3.03
CA PHE B 182 -30.77 -11.60 2.91
C PHE B 182 -31.66 -10.76 3.81
N ASN B 183 -32.95 -11.05 3.78
CA ASN B 183 -33.92 -10.28 4.49
C ASN B 183 -33.72 -10.47 5.97
N GLU B 184 -33.78 -11.71 6.45
CA GLU B 184 -33.59 -12.02 7.86
C GLU B 184 -32.30 -11.50 8.48
N ASN B 185 -31.17 -11.52 7.76
CA ASN B 185 -29.88 -11.02 8.28
C ASN B 185 -29.89 -9.49 8.40
N PHE B 186 -30.46 -8.84 7.38
CA PHE B 186 -30.60 -7.38 7.39
C PHE B 186 -31.45 -6.94 8.56
N HIS B 187 -32.59 -7.59 8.71
CA HIS B 187 -33.43 -7.49 9.91
C HIS B 187 -32.59 -7.53 11.23
N LEU B 188 -31.82 -8.59 11.45
CA LEU B 188 -31.29 -8.89 12.76
C LEU B 188 -30.03 -8.09 13.08
N LEU B 189 -29.39 -7.53 12.04
CA LEU B 189 -28.18 -6.69 12.21
C LEU B 189 -28.58 -5.30 12.69
N SER B 190 -29.88 -5.07 12.69
CA SER B 190 -30.51 -3.84 13.11
C SER B 190 -31.25 -4.03 14.41
N THR B 191 -31.04 -5.16 15.12
CA THR B 191 -31.69 -5.35 16.41
C THR B 191 -30.73 -5.09 17.56
N PRO B 192 -31.27 -4.65 18.71
CA PRO B 192 -30.36 -4.29 19.80
C PRO B 192 -29.23 -5.31 19.95
N TRP B 193 -29.57 -6.59 19.94
CA TRP B 193 -28.67 -7.63 20.39
C TRP B 193 -27.49 -7.72 19.46
N LEU B 194 -27.73 -7.57 18.17
CA LEU B 194 -26.60 -7.66 17.26
C LEU B 194 -25.62 -6.53 17.44
N GLN B 195 -26.16 -5.39 17.83
CA GLN B 195 -25.39 -4.20 18.12
C GLN B 195 -24.45 -4.48 19.26
N LEU B 196 -24.95 -5.11 20.32
CA LEU B 196 -24.11 -5.57 21.41
C LEU B 196 -23.10 -6.62 20.96
N TYR B 197 -23.54 -7.59 20.15
CA TYR B 197 -22.63 -8.63 19.72
C TYR B 197 -21.54 -8.02 18.90
N ASN B 198 -21.94 -7.19 17.94
CA ASN B 198 -20.96 -6.65 17.06
C ASN B 198 -19.86 -5.89 17.85
N ASN B 199 -20.18 -5.41 19.05
CA ASN B 199 -19.12 -4.71 19.87
C ASN B 199 -18.47 -5.57 20.97
N PHE B 200 -19.11 -6.64 21.40
CA PHE B 200 -18.50 -7.55 22.41
C PHE B 200 -18.36 -9.01 21.92
N PRO B 201 -17.68 -9.23 20.77
CA PRO B 201 -17.78 -10.52 20.07
C PRO B 201 -17.24 -11.69 20.91
N SER B 202 -16.04 -11.55 21.47
CA SER B 202 -15.45 -12.60 22.31
C SER B 202 -16.30 -13.00 23.57
N PHE B 203 -16.92 -12.01 24.22
CA PHE B 203 -17.73 -12.24 25.43
C PHE B 203 -19.06 -12.97 25.20
N LEU B 204 -19.59 -12.90 23.99
CA LEU B 204 -21.00 -13.26 23.69
C LEU B 204 -21.22 -14.30 22.58
N HIS B 205 -20.19 -14.46 21.75
CA HIS B 205 -20.24 -15.39 20.64
C HIS B 205 -20.73 -16.79 21.00
N TYR B 206 -20.27 -17.35 22.12
CA TYR B 206 -20.61 -18.74 22.48
C TYR B 206 -21.79 -18.94 23.48
N LEU B 207 -22.60 -17.92 23.66
CA LEU B 207 -23.86 -18.06 24.37
C LEU B 207 -24.99 -18.15 23.31
N PRO B 208 -26.23 -18.58 23.69
CA PRO B 208 -27.37 -18.53 22.72
C PRO B 208 -27.69 -17.14 22.12
N GLY B 209 -28.47 -17.08 21.05
CA GLY B 209 -29.02 -15.81 20.59
C GLY B 209 -28.87 -15.57 19.11
N SER B 210 -29.65 -14.59 18.67
CA SER B 210 -29.60 -13.88 17.38
C SER B 210 -28.36 -14.08 16.51
N HIS B 211 -27.21 -13.80 17.10
CA HIS B 211 -25.95 -13.82 16.37
C HIS B 211 -25.76 -15.18 15.69
N ARG B 212 -26.08 -16.24 16.43
CA ARG B 212 -25.96 -17.63 15.95
C ARG B 212 -26.67 -17.81 14.63
N LYS B 213 -27.88 -17.25 14.52
CA LYS B 213 -28.71 -17.33 13.33
C LYS B 213 -28.17 -16.45 12.17
N VAL B 214 -27.77 -15.24 12.49
CA VAL B 214 -27.12 -14.42 11.50
C VAL B 214 -25.85 -15.07 10.91
N ILE B 215 -25.05 -15.73 11.77
CA ILE B 215 -23.82 -16.42 11.40
C ILE B 215 -24.09 -17.67 10.54
N LYS B 216 -25.15 -18.40 10.89
CA LYS B 216 -25.58 -19.57 10.15
C LYS B 216 -26.06 -19.14 8.76
N ASN B 217 -26.79 -18.01 8.70
CA ASN B 217 -27.30 -17.45 7.45
C ASN B 217 -26.20 -16.90 6.53
N VAL B 218 -25.18 -16.26 7.12
CA VAL B 218 -24.01 -15.80 6.34
C VAL B 218 -23.35 -16.98 5.63
N ALA B 219 -23.21 -18.08 6.36
CA ALA B 219 -22.53 -19.27 5.91
C ALA B 219 -23.27 -19.95 4.74
N GLU B 220 -24.60 -20.01 4.86
CA GLU B 220 -25.50 -20.61 3.89
C GLU B 220 -25.54 -19.81 2.56
N VAL B 221 -25.55 -18.48 2.66
CA VAL B 221 -25.36 -17.62 1.49
C VAL B 221 -23.99 -17.89 0.89
N LYS B 222 -22.97 -18.04 1.72
CA LYS B 222 -21.62 -18.35 1.23
C LYS B 222 -21.50 -19.75 0.59
N GLU B 223 -22.06 -20.79 1.22
CA GLU B 223 -22.12 -22.14 0.61
C GLU B 223 -22.75 -22.10 -0.80
N TYR B 224 -23.80 -21.30 -0.94
CA TYR B 224 -24.49 -21.15 -2.20
C TYR B 224 -23.59 -20.54 -3.29
N VAL B 225 -22.96 -19.43 -2.96
CA VAL B 225 -22.19 -18.70 -3.92
C VAL B 225 -20.94 -19.49 -4.21
N SER B 226 -20.49 -20.21 -3.20
CA SER B 226 -19.44 -21.21 -3.33
C SER B 226 -19.75 -22.36 -4.30
N GLU B 227 -20.94 -22.95 -4.20
CA GLU B 227 -21.29 -24.01 -5.14
C GLU B 227 -21.41 -23.51 -6.56
N ARG B 228 -21.86 -22.26 -6.72
CA ARG B 228 -21.97 -21.58 -8.01
C ARG B 228 -20.66 -21.30 -8.67
N VAL B 229 -19.63 -20.96 -7.88
CA VAL B 229 -18.23 -20.68 -8.33
C VAL B 229 -17.41 -21.94 -8.75
N LYS B 230 -17.61 -23.05 -8.05
CA LYS B 230 -16.98 -24.32 -8.42
C LYS B 230 -17.48 -24.78 -9.80
N GLU B 231 -18.80 -24.87 -9.98
CA GLU B 231 -19.40 -25.18 -11.30
C GLU B 231 -18.83 -24.34 -12.47
N HIS B 232 -18.73 -23.02 -12.29
CA HIS B 232 -18.14 -22.10 -13.28
C HIS B 232 -16.71 -22.50 -13.77
N HIS B 233 -15.86 -22.90 -12.82
CA HIS B 233 -14.48 -23.41 -13.00
C HIS B 233 -14.48 -24.65 -13.89
N GLN B 234 -14.96 -25.78 -13.35
CA GLN B 234 -15.11 -27.06 -14.06
C GLN B 234 -15.73 -26.88 -15.48
N SER B 235 -16.45 -25.77 -15.66
CA SER B 235 -17.21 -25.47 -16.88
C SER B 235 -16.74 -24.16 -17.52
N LEU B 236 -15.57 -23.69 -17.11
CA LEU B 236 -14.99 -22.43 -17.61
C LEU B 236 -14.69 -22.44 -19.12
N ASP B 237 -13.91 -21.45 -19.56
CA ASP B 237 -13.63 -21.13 -20.97
C ASP B 237 -12.91 -19.76 -21.04
N PRO B 238 -11.55 -19.74 -20.88
CA PRO B 238 -10.91 -18.42 -20.63
C PRO B 238 -11.25 -17.36 -21.71
N ASN B 239 -11.29 -17.81 -22.97
CA ASN B 239 -11.72 -17.01 -24.14
C ASN B 239 -13.16 -16.47 -24.10
N CYS B 240 -13.81 -16.48 -22.95
CA CYS B 240 -15.28 -16.52 -22.99
C CYS B 240 -16.02 -16.34 -21.65
N PRO B 241 -15.72 -15.26 -20.90
CA PRO B 241 -16.43 -15.08 -19.63
C PRO B 241 -17.94 -14.89 -19.86
N ARG B 242 -18.76 -15.74 -19.24
CA ARG B 242 -20.23 -15.58 -19.30
C ARG B 242 -20.79 -14.53 -18.29
N ASP B 243 -19.90 -13.88 -17.54
CA ASP B 243 -20.29 -13.04 -16.40
C ASP B 243 -19.08 -12.66 -15.53
N LEU B 244 -19.36 -11.99 -14.42
CA LEU B 244 -18.33 -11.48 -13.52
C LEU B 244 -17.61 -12.64 -12.82
N THR B 245 -18.34 -13.71 -12.48
CA THR B 245 -17.73 -14.88 -11.83
C THR B 245 -16.61 -15.43 -12.69
N ASP B 246 -16.90 -15.64 -13.98
CA ASP B 246 -15.89 -16.09 -14.94
C ASP B 246 -14.72 -15.14 -14.93
N CYS B 247 -14.99 -13.84 -15.08
CA CYS B 247 -13.95 -12.80 -15.10
C CYS B 247 -12.91 -12.83 -13.98
N LEU B 248 -13.35 -13.20 -12.78
CA LEU B 248 -12.48 -13.23 -11.60
C LEU B 248 -11.59 -14.46 -11.64
N LEU B 249 -12.21 -15.60 -11.92
CA LEU B 249 -11.54 -16.84 -12.23
C LEU B 249 -10.45 -16.69 -13.31
N VAL B 250 -10.78 -16.05 -14.44
CA VAL B 250 -9.79 -15.69 -15.47
C VAL B 250 -8.63 -14.89 -14.90
N GLU B 251 -8.93 -13.79 -14.20
CA GLU B 251 -7.88 -13.01 -13.53
C GLU B 251 -7.11 -13.86 -12.48
N MET B 252 -7.77 -14.90 -11.93
CA MET B 252 -7.13 -15.85 -11.00
C MET B 252 -6.15 -16.80 -11.73
N GLU B 253 -6.43 -17.09 -12.99
CA GLU B 253 -5.52 -17.85 -13.87
C GLU B 253 -4.25 -17.12 -14.25
N LYS B 254 -4.39 -15.89 -14.75
CA LYS B 254 -3.26 -15.04 -15.15
C LYS B 254 -2.20 -15.03 -14.05
N GLU B 255 -2.49 -15.70 -12.94
CA GLU B 255 -1.64 -15.59 -11.77
C GLU B 255 -1.64 -16.81 -10.87
N LYS B 256 -1.73 -18.02 -11.44
CA LYS B 256 -1.51 -19.22 -10.60
C LYS B 256 -0.01 -19.59 -10.50
N HIS B 257 0.86 -18.63 -10.86
CA HIS B 257 2.32 -18.77 -10.71
C HIS B 257 2.97 -17.72 -9.75
N SER B 258 2.23 -17.30 -8.72
CA SER B 258 2.69 -16.25 -7.82
C SER B 258 2.79 -16.68 -6.35
N ALA B 259 3.64 -15.96 -5.62
CA ALA B 259 3.85 -16.11 -4.17
C ALA B 259 3.27 -14.88 -3.45
N GLU B 260 2.65 -13.99 -4.23
CA GLU B 260 1.84 -12.88 -3.69
C GLU B 260 0.47 -12.86 -4.41
N ARG B 261 -0.52 -13.44 -3.74
CA ARG B 261 -1.82 -13.71 -4.36
C ARG B 261 -2.88 -12.65 -4.02
N LEU B 262 -3.64 -12.32 -5.05
CA LEU B 262 -4.83 -11.48 -4.92
C LEU B 262 -6.08 -12.37 -4.82
N TYR B 263 -6.16 -13.41 -5.67
CA TYR B 263 -7.33 -14.31 -5.74
C TYR B 263 -7.14 -15.76 -5.22
N THR B 264 -7.98 -16.17 -4.27
CA THR B 264 -8.18 -17.57 -3.94
C THR B 264 -9.62 -17.94 -4.37
N MET B 265 -9.87 -19.22 -4.60
CA MET B 265 -11.23 -19.72 -4.80
C MET B 265 -12.20 -19.17 -3.75
N ASP B 266 -11.66 -18.83 -2.59
CA ASP B 266 -12.44 -18.35 -1.45
C ASP B 266 -12.61 -16.84 -1.50
N GLY B 267 -11.52 -16.12 -1.72
CA GLY B 267 -11.60 -14.69 -2.04
C GLY B 267 -12.67 -14.40 -3.09
N ILE B 268 -12.78 -15.29 -4.08
CA ILE B 268 -13.70 -15.12 -5.20
C ILE B 268 -15.17 -15.34 -4.78
N THR B 269 -15.42 -16.26 -3.86
CA THR B 269 -16.80 -16.50 -3.42
C THR B 269 -17.31 -15.36 -2.48
N VAL B 270 -16.38 -14.71 -1.77
CA VAL B 270 -16.73 -13.60 -0.87
C VAL B 270 -16.97 -12.31 -1.64
N THR B 271 -16.24 -12.08 -2.72
CA THR B 271 -16.46 -10.92 -3.56
C THR B 271 -17.84 -11.06 -4.20
N VAL B 272 -18.05 -12.24 -4.76
CA VAL B 272 -19.28 -12.58 -5.45
C VAL B 272 -20.53 -12.54 -4.54
N ALA B 273 -20.40 -13.07 -3.32
CA ALA B 273 -21.46 -13.04 -2.31
C ALA B 273 -21.77 -11.62 -1.88
N ASP B 274 -20.71 -10.84 -1.63
CA ASP B 274 -20.78 -9.41 -1.38
C ASP B 274 -21.59 -8.68 -2.40
N LEU B 275 -21.32 -8.91 -3.68
CA LEU B 275 -22.05 -8.23 -4.77
C LEU B 275 -23.48 -8.76 -4.84
N PHE B 276 -23.66 -10.03 -4.46
CA PHE B 276 -24.96 -10.65 -4.54
C PHE B 276 -25.98 -9.98 -3.60
N PHE B 277 -25.75 -10.12 -2.29
CA PHE B 277 -26.70 -9.63 -1.32
C PHE B 277 -26.80 -8.12 -1.29
N ALA B 278 -25.70 -7.44 -1.58
CA ALA B 278 -25.78 -6.02 -1.62
C ALA B 278 -26.56 -5.59 -2.85
N GLY B 279 -26.43 -6.33 -3.94
CA GLY B 279 -27.19 -6.03 -5.14
C GLY B 279 -28.67 -6.24 -4.95
N THR B 280 -29.05 -7.26 -4.19
CA THR B 280 -30.44 -7.56 -3.93
C THR B 280 -31.07 -6.67 -2.83
N GLU B 281 -30.39 -6.58 -1.71
CA GLU B 281 -31.05 -6.34 -0.46
C GLU B 281 -31.31 -4.85 -0.22
N THR B 282 -30.33 -4.07 -0.67
CA THR B 282 -30.44 -2.63 -0.67
C THR B 282 -31.60 -2.07 -1.55
N THR B 283 -31.61 -2.42 -2.84
CA THR B 283 -32.63 -1.98 -3.78
C THR B 283 -34.00 -2.49 -3.36
N SER B 284 -34.09 -3.76 -3.05
CA SER B 284 -35.33 -4.30 -2.49
C SER B 284 -35.90 -3.49 -1.29
N THR B 285 -35.12 -3.26 -0.24
CA THR B 285 -35.59 -2.56 0.96
C THR B 285 -36.04 -1.16 0.58
N THR B 286 -35.18 -0.47 -0.17
CA THR B 286 -35.46 0.86 -0.72
C THR B 286 -36.76 0.97 -1.51
N LEU B 287 -36.93 0.08 -2.47
CA LEU B 287 -38.12 0.08 -3.30
C LEU B 287 -39.42 -0.16 -2.48
N ARG B 288 -39.33 -1.14 -1.56
CA ARG B 288 -40.35 -1.48 -0.58
C ARG B 288 -40.79 -0.29 0.31
N TYR B 289 -39.82 0.44 0.85
CA TYR B 289 -40.08 1.58 1.73
C TYR B 289 -40.71 2.71 0.88
N GLY B 290 -40.17 2.92 -0.32
CA GLY B 290 -40.78 3.77 -1.35
C GLY B 290 -42.24 3.51 -1.64
N LEU B 291 -42.62 2.23 -1.76
CA LEU B 291 -44.00 1.89 -2.00
C LEU B 291 -44.94 2.22 -0.82
N LEU B 292 -44.43 1.97 0.38
CA LEU B 292 -45.11 2.34 1.60
C LEU B 292 -45.24 3.87 1.74
N ILE B 293 -44.15 4.61 1.49
CA ILE B 293 -44.15 6.08 1.57
C ILE B 293 -45.20 6.61 0.60
N LEU B 294 -45.18 6.11 -0.63
CA LEU B 294 -46.09 6.60 -1.61
C LEU B 294 -47.58 6.32 -1.27
N MET B 295 -47.86 5.30 -0.46
CA MET B 295 -49.21 5.03 -0.02
C MET B 295 -49.66 5.99 1.07
N LYS B 296 -48.72 6.52 1.85
CA LYS B 296 -49.09 7.46 2.90
C LYS B 296 -49.59 8.81 2.32
N TYR B 297 -49.10 9.09 1.11
CA TYR B 297 -49.35 10.36 0.48
C TYR B 297 -49.94 10.11 -0.88
N PRO B 298 -51.28 9.87 -0.94
CA PRO B 298 -51.95 9.60 -2.23
C PRO B 298 -51.68 10.74 -3.22
N GLU B 299 -51.67 11.96 -2.72
CA GLU B 299 -51.40 13.16 -3.51
C GLU B 299 -50.11 13.06 -4.36
N ILE B 300 -48.98 12.71 -3.74
CA ILE B 300 -47.68 12.55 -4.41
C ILE B 300 -47.70 11.44 -5.53
N GLU B 301 -48.41 10.35 -5.28
CA GLU B 301 -48.54 9.29 -6.29
C GLU B 301 -49.33 9.72 -7.50
N GLU B 302 -50.28 10.62 -7.27
CA GLU B 302 -51.11 11.19 -8.33
C GLU B 302 -50.30 12.03 -9.28
N LYS B 303 -49.49 12.94 -8.74
CA LYS B 303 -48.49 13.71 -9.52
C LYS B 303 -47.57 12.82 -10.40
N LEU B 304 -47.08 11.70 -9.84
CA LEU B 304 -46.26 10.71 -10.57
C LEU B 304 -46.95 10.07 -11.79
N HIS B 305 -48.20 9.64 -11.62
CA HIS B 305 -49.08 9.18 -12.74
C HIS B 305 -49.35 10.23 -13.83
N GLU B 306 -49.77 11.43 -13.41
CA GLU B 306 -49.78 12.61 -14.26
C GLU B 306 -48.44 12.75 -15.04
N GLU B 307 -47.32 12.69 -14.34
CA GLU B 307 -46.05 12.95 -15.02
C GLU B 307 -45.62 11.84 -15.98
N ILE B 308 -45.66 10.58 -15.50
CA ILE B 308 -45.48 9.36 -16.34
C ILE B 308 -46.36 9.38 -17.61
N ASP B 309 -47.66 9.66 -17.44
CA ASP B 309 -48.66 9.71 -18.52
C ASP B 309 -48.29 10.73 -19.61
N ARG B 310 -47.98 11.96 -19.18
CA ARG B 310 -47.45 13.06 -20.02
C ARG B 310 -46.17 12.66 -20.77
N VAL B 311 -45.18 12.15 -20.05
CA VAL B 311 -43.85 11.97 -20.64
C VAL B 311 -43.61 10.59 -21.31
N ILE B 312 -44.05 9.51 -20.69
CA ILE B 312 -43.73 8.19 -21.23
C ILE B 312 -44.89 7.50 -21.95
N GLY B 313 -46.10 7.78 -21.49
CA GLY B 313 -47.27 7.13 -22.05
C GLY B 313 -47.67 5.93 -21.21
N PRO B 314 -48.86 5.37 -21.52
CA PRO B 314 -49.34 4.27 -20.70
C PRO B 314 -48.77 2.93 -21.19
N SER B 315 -47.80 2.96 -22.13
CA SER B 315 -47.23 1.69 -22.60
C SER B 315 -45.73 1.55 -22.98
N ARG B 316 -45.10 2.58 -23.57
CA ARG B 316 -43.67 2.50 -23.91
C ARG B 316 -42.88 2.18 -22.65
N ILE B 317 -41.89 1.29 -22.77
CA ILE B 317 -40.94 0.94 -21.71
C ILE B 317 -40.22 2.23 -21.22
N PRO B 318 -40.09 2.43 -19.88
CA PRO B 318 -39.24 3.48 -19.27
C PRO B 318 -37.73 3.41 -19.53
N ALA B 319 -37.08 4.57 -19.63
CA ALA B 319 -35.68 4.70 -20.11
C ALA B 319 -34.85 5.82 -19.41
N ILE B 320 -33.52 5.65 -19.31
CA ILE B 320 -32.67 6.65 -18.63
C ILE B 320 -32.79 8.05 -19.21
N LYS B 321 -32.83 8.18 -20.53
CA LYS B 321 -33.13 9.47 -21.14
C LYS B 321 -34.32 10.16 -20.43
N ASP B 322 -35.37 9.39 -20.08
CA ASP B 322 -36.63 9.94 -19.52
C ASP B 322 -36.52 10.61 -18.16
N ARG B 323 -35.44 10.39 -17.43
CA ARG B 323 -35.24 11.05 -16.15
C ARG B 323 -35.16 12.57 -16.30
N GLN B 324 -34.42 13.02 -17.31
CA GLN B 324 -34.13 14.43 -17.51
C GLN B 324 -35.36 15.27 -17.80
N GLU B 325 -36.45 14.65 -18.23
CA GLU B 325 -37.71 15.38 -18.36
C GLU B 325 -38.79 15.01 -17.35
N MET B 326 -38.37 14.34 -16.29
CA MET B 326 -39.28 13.99 -15.21
C MET B 326 -38.75 14.58 -13.89
N PRO B 327 -38.84 15.94 -13.73
CA PRO B 327 -38.24 16.57 -12.55
C PRO B 327 -38.84 16.08 -11.22
N TYR B 328 -40.11 15.66 -11.25
CA TYR B 328 -40.83 15.22 -10.05
C TYR B 328 -40.53 13.74 -9.62
N MET B 329 -40.43 12.81 -10.58
CA MET B 329 -39.95 11.47 -10.32
C MET B 329 -38.53 11.51 -9.80
N ASP B 330 -37.65 12.24 -10.49
CA ASP B 330 -36.28 12.45 -10.02
C ASP B 330 -36.29 12.87 -8.57
N ALA B 331 -37.15 13.83 -8.20
CA ALA B 331 -37.18 14.37 -6.81
C ALA B 331 -37.69 13.33 -5.79
N VAL B 332 -38.54 12.44 -6.26
CA VAL B 332 -39.20 11.46 -5.41
C VAL B 332 -38.27 10.28 -5.13
N VAL B 333 -37.61 9.80 -6.18
CA VAL B 333 -36.60 8.73 -6.16
C VAL B 333 -35.41 9.09 -5.30
N HIS B 334 -35.13 10.39 -5.22
CA HIS B 334 -34.10 10.94 -4.39
C HIS B 334 -34.56 11.17 -2.99
N GLU B 335 -35.81 11.61 -2.86
CA GLU B 335 -36.38 11.91 -1.57
C GLU B 335 -36.64 10.61 -0.78
N ILE B 336 -36.97 9.54 -1.51
CA ILE B 336 -37.09 8.23 -0.91
C ILE B 336 -35.75 7.74 -0.37
N GLN B 337 -34.66 7.93 -1.13
CA GLN B 337 -33.35 7.55 -0.62
C GLN B 337 -32.94 8.37 0.57
N ARG B 338 -33.24 9.67 0.56
CA ARG B 338 -32.79 10.60 1.58
C ARG B 338 -33.52 10.31 2.88
N PHE B 339 -34.84 10.24 2.78
CA PHE B 339 -35.72 10.04 3.92
C PHE B 339 -35.54 8.71 4.75
N ILE B 340 -35.11 7.64 4.10
CA ILE B 340 -35.17 6.37 4.78
C ILE B 340 -33.87 6.04 5.39
N THR B 341 -32.84 6.80 4.97
CA THR B 341 -31.46 6.63 5.43
C THR B 341 -31.24 5.16 5.70
N LEU B 342 -31.07 4.41 4.61
CA LEU B 342 -30.97 2.94 4.67
C LEU B 342 -29.83 2.51 5.60
N VAL B 343 -28.66 3.11 5.38
CA VAL B 343 -27.42 2.83 6.07
C VAL B 343 -26.99 4.09 6.86
N PRO B 344 -27.64 4.33 8.05
CA PRO B 344 -27.57 5.54 8.88
C PRO B 344 -26.20 5.85 9.51
N SER B 345 -25.44 4.81 9.82
CA SER B 345 -24.16 4.97 10.53
C SER B 345 -23.01 4.69 9.55
N ASN B 346 -23.42 4.66 8.27
CA ASN B 346 -22.56 4.28 7.16
C ASN B 346 -22.01 2.86 7.45
N LEU B 347 -20.96 2.48 6.71
CA LEU B 347 -20.19 1.29 6.99
C LEU B 347 -18.92 1.76 7.66
N PRO B 348 -18.47 1.03 8.72
CA PRO B 348 -17.39 1.51 9.58
C PRO B 348 -16.06 1.59 8.84
N HIS B 349 -15.32 2.65 9.12
CA HIS B 349 -13.99 2.86 8.57
C HIS B 349 -13.03 2.66 9.72
N GLU B 350 -11.75 2.42 9.40
CA GLU B 350 -10.66 2.67 10.38
C GLU B 350 -9.49 3.43 9.78
N ALA B 351 -8.79 4.16 10.64
CA ALA B 351 -7.48 4.75 10.33
C ALA B 351 -6.45 3.67 10.00
N THR B 352 -5.94 3.73 8.77
CA THR B 352 -4.91 2.84 8.28
C THR B 352 -3.56 3.30 8.80
N ARG B 353 -3.46 4.60 9.07
CA ARG B 353 -2.27 5.26 9.62
C ARG B 353 -2.68 6.07 10.89
N ASP B 354 -1.74 6.25 11.83
CA ASP B 354 -1.75 7.36 12.82
C ASP B 354 -2.03 8.73 12.12
N THR B 355 -3.14 9.40 12.47
CA THR B 355 -3.48 10.67 11.77
C THR B 355 -3.95 11.84 12.63
N ILE B 356 -3.82 13.03 12.05
CA ILE B 356 -4.36 14.22 12.64
C ILE B 356 -5.52 14.66 11.79
N PHE B 357 -6.67 14.77 12.46
CA PHE B 357 -7.92 15.25 11.91
C PHE B 357 -8.28 16.45 12.76
N ARG B 358 -8.32 17.64 12.15
CA ARG B 358 -8.42 18.91 12.87
C ARG B 358 -7.35 18.98 14.01
N GLY B 359 -7.72 19.35 15.23
CA GLY B 359 -6.72 19.42 16.29
C GLY B 359 -6.24 18.10 16.93
N TYR B 360 -6.79 16.96 16.47
CA TYR B 360 -6.76 15.70 17.27
C TYR B 360 -6.05 14.49 16.66
N LEU B 361 -5.54 13.63 17.53
CA LEU B 361 -4.94 12.33 17.17
C LEU B 361 -5.98 11.23 17.01
N ILE B 362 -5.86 10.52 15.91
CA ILE B 362 -6.60 9.27 15.65
C ILE B 362 -5.59 8.15 15.33
N PRO B 363 -5.24 7.33 16.32
CA PRO B 363 -4.29 6.22 16.20
C PRO B 363 -4.62 5.22 15.09
N LYS B 364 -3.63 4.44 14.68
CA LYS B 364 -3.85 3.38 13.71
C LYS B 364 -4.92 2.48 14.26
N GLY B 365 -5.79 1.92 13.43
CA GLY B 365 -6.76 0.91 13.89
C GLY B 365 -7.95 1.44 14.66
N THR B 366 -8.17 2.75 14.60
CA THR B 366 -9.34 3.38 15.26
C THR B 366 -10.55 3.37 14.29
N VAL B 367 -11.72 2.97 14.78
CA VAL B 367 -12.90 2.86 13.95
C VAL B 367 -13.43 4.29 13.71
N VAL B 368 -13.50 4.67 12.44
CA VAL B 368 -13.94 6.02 12.06
C VAL B 368 -15.35 5.90 11.48
N VAL B 369 -16.31 6.56 12.11
CA VAL B 369 -17.71 6.45 11.72
C VAL B 369 -18.23 7.79 11.17
N PRO B 370 -18.23 7.90 9.83
CA PRO B 370 -18.76 9.07 9.13
C PRO B 370 -20.23 8.87 8.85
N THR B 371 -21.07 9.37 9.77
CA THR B 371 -22.52 9.12 9.78
C THR B 371 -23.26 9.64 8.53
N LEU B 372 -24.14 8.84 7.92
CA LEU B 372 -24.88 9.39 6.76
C LEU B 372 -26.18 10.11 7.04
N ASP B 373 -26.89 9.77 8.10
CA ASP B 373 -28.18 10.37 8.44
C ASP B 373 -28.05 11.79 8.91
N SER B 374 -26.95 12.13 9.56
CA SER B 374 -26.73 13.51 9.97
C SER B 374 -26.46 14.37 8.76
N VAL B 375 -25.97 13.77 7.69
CA VAL B 375 -25.84 14.47 6.44
C VAL B 375 -27.20 14.53 5.78
N LEU B 376 -27.90 13.41 5.82
CA LEU B 376 -29.13 13.30 5.08
C LEU B 376 -30.28 14.06 5.73
N TYR B 377 -30.16 14.29 7.03
CA TYR B 377 -31.19 15.02 7.74
C TYR B 377 -30.83 16.46 8.07
N ASP B 378 -29.87 17.06 7.34
CA ASP B 378 -29.50 18.48 7.56
C ASP B 378 -30.74 19.38 7.55
N ASN B 379 -30.89 20.20 8.58
CA ASN B 379 -32.04 21.08 8.60
C ASN B 379 -31.91 22.49 7.94
N GLN B 380 -30.69 22.89 7.56
CA GLN B 380 -30.53 24.04 6.63
C GLN B 380 -30.72 23.53 5.18
N GLU B 381 -30.07 22.41 4.83
CA GLU B 381 -30.24 21.83 3.49
C GLU B 381 -31.68 21.44 3.20
N PHE B 382 -32.34 20.87 4.20
CA PHE B 382 -33.69 20.33 4.01
C PHE B 382 -34.70 20.90 5.02
N PRO B 383 -35.11 22.19 4.82
CA PRO B 383 -35.95 22.83 5.82
C PRO B 383 -36.67 21.86 6.79
N ASP B 384 -37.77 21.18 6.45
CA ASP B 384 -38.35 20.29 7.51
C ASP B 384 -37.91 18.84 7.33
N PRO B 385 -36.74 18.46 7.90
CA PRO B 385 -36.04 17.21 7.52
C PRO B 385 -36.74 15.90 7.91
N GLU B 386 -37.45 15.90 9.03
CA GLU B 386 -38.21 14.71 9.45
C GLU B 386 -39.38 14.36 8.49
N LYS B 387 -39.81 15.34 7.66
CA LYS B 387 -40.87 15.17 6.65
C LYS B 387 -40.43 14.56 5.30
N PHE B 388 -41.28 13.75 4.68
CA PHE B 388 -41.07 13.32 3.30
C PHE B 388 -41.67 14.32 2.32
N LYS B 389 -40.80 14.95 1.57
CA LYS B 389 -41.14 16.16 0.85
C LYS B 389 -40.37 16.19 -0.44
N PRO B 390 -41.00 15.76 -1.53
CA PRO B 390 -40.36 15.90 -2.85
C PRO B 390 -39.75 17.30 -3.10
N GLU B 391 -40.38 18.36 -2.59
CA GLU B 391 -39.93 19.75 -2.70
C GLU B 391 -38.49 20.00 -2.21
N HIS B 392 -37.94 19.07 -1.42
CA HIS B 392 -36.51 19.01 -0.96
C HIS B 392 -35.53 18.81 -2.11
N PHE B 393 -36.01 18.32 -3.25
CA PHE B 393 -35.19 18.19 -4.47
C PHE B 393 -35.78 18.94 -5.69
N LEU B 394 -36.65 19.92 -5.44
CA LEU B 394 -37.15 20.81 -6.47
C LEU B 394 -36.94 22.27 -6.13
N ASN B 395 -36.60 23.08 -7.14
CA ASN B 395 -36.70 24.54 -7.07
C ASN B 395 -38.17 24.96 -7.23
N GLU B 396 -38.48 26.18 -6.81
CA GLU B 396 -39.87 26.64 -6.81
C GLU B 396 -40.45 26.82 -8.22
N ASN B 397 -39.61 26.77 -9.28
CA ASN B 397 -40.15 26.56 -10.65
C ASN B 397 -39.92 25.17 -11.21
N GLY B 398 -40.38 24.16 -10.46
CA GLY B 398 -40.49 22.78 -10.89
C GLY B 398 -39.25 21.99 -11.28
N LYS B 399 -38.09 22.62 -11.45
CA LYS B 399 -36.90 21.88 -11.98
C LYS B 399 -36.29 21.01 -10.88
N PHE B 400 -35.61 19.94 -11.29
CA PHE B 400 -34.81 19.18 -10.33
C PHE B 400 -33.90 20.10 -9.51
N LYS B 401 -33.58 19.74 -8.26
CA LYS B 401 -32.57 20.47 -7.46
C LYS B 401 -31.48 19.57 -6.86
N TYR B 402 -30.29 19.64 -7.45
CA TYR B 402 -29.11 18.93 -6.97
C TYR B 402 -28.74 19.30 -5.53
N SER B 403 -28.39 18.32 -4.71
CA SER B 403 -27.84 18.62 -3.41
C SER B 403 -26.52 17.89 -3.18
N ASP B 404 -25.48 18.61 -2.75
CA ASP B 404 -24.23 17.90 -2.45
C ASP B 404 -24.39 16.99 -1.21
N TYR B 405 -25.44 17.31 -0.46
CA TYR B 405 -25.79 16.68 0.79
C TYR B 405 -26.45 15.31 0.61
N PHE B 406 -26.96 15.04 -0.59
CA PHE B 406 -27.52 13.74 -0.90
C PHE B 406 -26.40 12.68 -0.96
N LYS B 407 -26.13 12.03 0.17
CA LYS B 407 -24.99 11.13 0.30
C LYS B 407 -25.35 9.73 0.85
N PRO B 408 -26.43 9.06 0.34
CA PRO B 408 -26.84 7.76 0.96
C PRO B 408 -25.90 6.60 0.57
N PHE B 409 -25.12 6.82 -0.48
CA PHE B 409 -24.19 5.84 -0.97
C PHE B 409 -22.82 6.19 -0.47
N SER B 410 -22.77 7.22 0.36
CA SER B 410 -21.55 7.73 0.98
C SER B 410 -20.71 8.41 -0.12
N THR B 411 -19.42 8.65 0.12
CA THR B 411 -18.49 9.12 -0.93
C THR B 411 -17.07 8.73 -0.59
N GLY B 412 -16.19 8.87 -1.57
CA GLY B 412 -14.77 8.72 -1.34
C GLY B 412 -14.21 7.44 -1.86
N LYS B 413 -13.19 6.96 -1.15
CA LYS B 413 -12.42 5.73 -1.50
C LYS B 413 -13.14 4.42 -1.19
N ARG B 414 -14.21 4.47 -0.40
CA ARG B 414 -15.09 3.32 -0.35
C ARG B 414 -16.53 3.53 -0.86
N VAL B 415 -16.81 4.56 -1.68
CA VAL B 415 -18.19 4.70 -2.28
C VAL B 415 -18.85 3.39 -2.72
N CYS B 416 -20.10 3.22 -2.31
CA CYS B 416 -20.85 2.06 -2.67
C CYS B 416 -20.47 1.65 -4.06
N ALA B 417 -19.98 0.42 -4.19
CA ALA B 417 -19.67 -0.18 -5.48
C ALA B 417 -20.89 -0.25 -6.42
N GLY B 418 -22.10 -0.26 -5.87
CA GLY B 418 -23.30 -0.50 -6.65
C GLY B 418 -24.13 0.69 -7.04
N GLU B 419 -23.57 1.87 -6.84
CA GLU B 419 -24.29 3.14 -6.94
C GLU B 419 -25.00 3.37 -8.28
N GLY B 420 -24.26 3.27 -9.37
CA GLY B 420 -24.84 3.41 -10.71
C GLY B 420 -25.97 2.43 -10.99
N LEU B 421 -25.74 1.17 -10.61
CA LEU B 421 -26.74 0.14 -10.71
C LEU B 421 -27.97 0.43 -9.82
N ALA B 422 -27.80 0.46 -8.51
CA ALA B 422 -28.84 0.91 -7.59
C ALA B 422 -29.65 2.16 -8.02
N ARG B 423 -28.99 3.25 -8.44
CA ARG B 423 -29.72 4.43 -8.92
C ARG B 423 -30.66 4.15 -10.11
N MET B 424 -30.17 3.44 -11.15
CA MET B 424 -30.99 3.25 -12.33
C MET B 424 -32.12 2.21 -12.16
N GLU B 425 -31.92 1.30 -11.20
CA GLU B 425 -32.91 0.37 -10.74
C GLU B 425 -34.10 1.05 -10.10
N LEU B 426 -33.86 1.93 -9.13
CA LEU B 426 -34.99 2.56 -8.45
C LEU B 426 -35.79 3.32 -9.49
N PHE B 427 -35.10 4.11 -10.29
CA PHE B 427 -35.75 4.92 -11.30
C PHE B 427 -36.54 4.09 -12.27
N LEU B 428 -35.90 3.09 -12.89
CA LEU B 428 -36.58 2.29 -13.92
C LEU B 428 -37.71 1.41 -13.39
N LEU B 429 -37.54 0.78 -12.25
CA LEU B 429 -38.58 -0.06 -11.70
C LEU B 429 -39.68 0.73 -11.00
N LEU B 430 -39.33 1.77 -10.24
CA LEU B 430 -40.39 2.65 -9.76
C LEU B 430 -41.21 3.25 -10.92
N CYS B 431 -40.58 3.44 -12.07
CA CYS B 431 -41.28 3.87 -13.27
C CYS B 431 -42.21 2.82 -13.89
N ALA B 432 -41.72 1.59 -14.08
CA ALA B 432 -42.57 0.47 -14.52
C ALA B 432 -43.82 0.28 -13.61
N ILE B 433 -43.62 -0.11 -12.35
CA ILE B 433 -44.69 -0.23 -11.36
C ILE B 433 -45.77 0.78 -11.53
N LEU B 434 -45.39 2.02 -11.47
CA LEU B 434 -46.35 3.14 -11.43
C LEU B 434 -47.12 3.46 -12.73
N GLN B 435 -46.49 3.20 -13.88
CA GLN B 435 -47.11 3.33 -15.19
C GLN B 435 -48.26 2.36 -15.37
N HIS B 436 -48.13 1.14 -14.86
CA HIS B 436 -49.17 0.07 -14.97
C HIS B 436 -50.13 -0.15 -13.76
N PHE B 437 -49.79 0.39 -12.59
CA PHE B 437 -50.50 0.06 -11.38
C PHE B 437 -50.69 1.29 -10.53
N ASN B 438 -51.74 1.29 -9.72
CA ASN B 438 -51.87 2.20 -8.60
C ASN B 438 -51.63 1.39 -7.34
N LEU B 439 -51.23 2.09 -6.29
CA LEU B 439 -51.03 1.46 -5.02
C LEU B 439 -52.32 1.55 -4.14
N LYS B 440 -52.79 0.40 -3.67
CA LYS B 440 -53.94 0.30 -2.76
C LYS B 440 -53.33 -0.27 -1.47
N PRO B 441 -53.41 0.46 -0.32
CA PRO B 441 -52.96 0.02 1.00
C PRO B 441 -54.08 -0.60 1.81
N LEU B 442 -53.76 -1.33 2.87
CA LEU B 442 -54.80 -2.00 3.64
C LEU B 442 -55.24 -1.23 4.88
N VAL B 443 -54.74 -0.02 5.05
CA VAL B 443 -55.19 0.88 6.12
C VAL B 443 -55.23 2.27 5.56
N ASP B 444 -55.96 3.16 6.23
CA ASP B 444 -56.00 4.60 5.98
C ASP B 444 -54.63 5.29 5.84
N PRO B 445 -54.31 5.83 4.64
CA PRO B 445 -53.10 6.64 4.43
C PRO B 445 -52.61 7.43 5.64
N LYS B 446 -53.45 8.14 6.37
CA LYS B 446 -52.91 8.87 7.50
C LYS B 446 -52.61 8.01 8.76
N ASP B 447 -53.07 6.76 8.84
CA ASP B 447 -52.68 5.86 9.93
C ASP B 447 -51.38 5.08 9.65
N ILE B 448 -50.74 5.38 8.52
CA ILE B 448 -49.50 4.74 8.11
C ILE B 448 -48.33 5.32 8.91
N ASP B 449 -47.76 4.50 9.77
CA ASP B 449 -46.50 4.84 10.40
C ASP B 449 -45.27 4.50 9.50
N LEU B 450 -44.41 5.51 9.30
CA LEU B 450 -43.26 5.43 8.40
C LEU B 450 -41.98 5.22 9.20
N SER B 451 -42.05 5.33 10.51
CA SER B 451 -40.78 5.22 11.21
C SER B 451 -40.34 3.75 11.14
N PRO B 452 -39.02 3.51 10.96
CA PRO B 452 -38.54 2.13 10.81
C PRO B 452 -38.83 1.25 12.06
N ILE B 453 -39.00 -0.06 11.88
CA ILE B 453 -39.26 -0.91 13.06
C ILE B 453 -38.00 -1.43 13.73
N HIS B 454 -36.85 -1.27 13.08
CA HIS B 454 -35.55 -1.62 13.69
C HIS B 454 -34.50 -0.72 13.11
N ILE B 455 -33.52 -0.35 13.95
CA ILE B 455 -32.40 0.59 13.59
C ILE B 455 -31.02 0.11 14.15
N GLY B 456 -30.13 -0.23 13.24
CA GLY B 456 -28.78 -0.63 13.57
C GLY B 456 -27.91 -0.53 12.33
N PHE B 457 -27.59 -1.69 11.75
CA PHE B 457 -26.99 -1.77 10.42
C PHE B 457 -27.76 -0.95 9.33
N GLY B 458 -29.09 -1.09 9.32
CA GLY B 458 -29.96 -0.30 8.49
C GLY B 458 -31.22 0.20 9.21
N CYS B 459 -32.07 0.84 8.45
CA CYS B 459 -33.38 1.21 8.92
C CYS B 459 -34.38 0.32 8.22
N ILE B 460 -35.06 -0.51 9.01
CA ILE B 460 -35.97 -1.51 8.53
C ILE B 460 -37.40 -1.01 8.65
N PRO B 461 -38.11 -0.91 7.52
CA PRO B 461 -39.47 -0.40 7.41
C PRO B 461 -40.47 -1.38 8.01
N PRO B 462 -41.66 -0.90 8.41
CA PRO B 462 -42.69 -1.82 8.90
C PRO B 462 -43.07 -2.86 7.83
N ARG B 463 -43.40 -4.07 8.29
CA ARG B 463 -44.06 -5.07 7.46
C ARG B 463 -45.44 -4.52 7.14
N TYR B 464 -45.93 -4.76 5.94
CA TYR B 464 -47.27 -4.32 5.56
C TYR B 464 -47.66 -5.15 4.40
N LYS B 465 -48.95 -5.33 4.20
CA LYS B 465 -49.48 -5.80 2.91
C LYS B 465 -50.05 -4.63 2.05
N LEU B 466 -50.04 -4.76 0.72
CA LEU B 466 -50.86 -3.86 -0.12
C LEU B 466 -51.57 -4.54 -1.32
N CYS B 467 -52.37 -3.79 -2.06
CA CYS B 467 -52.83 -4.20 -3.42
C CYS B 467 -52.30 -3.30 -4.52
N VAL B 468 -52.03 -3.93 -5.65
CA VAL B 468 -51.62 -3.20 -6.86
C VAL B 468 -52.70 -3.35 -7.94
N ILE B 469 -53.20 -2.21 -8.40
CA ILE B 469 -54.42 -2.15 -9.17
C ILE B 469 -54.09 -1.76 -10.60
N PRO B 470 -54.34 -2.70 -11.56
CA PRO B 470 -54.05 -2.54 -12.96
C PRO B 470 -54.59 -1.24 -13.62
N ARG B 471 -53.81 -0.70 -14.56
CA ARG B 471 -54.32 0.24 -15.57
C ARG B 471 -54.19 -0.43 -16.94
N SER B 472 -54.39 -1.77 -17.02
CA SER B 472 -54.05 -2.59 -18.19
C SER B 472 -52.82 -1.98 -18.89
CHA HEM C . 26.24 -0.05 5.90
CHB HEM C . 26.80 -2.12 1.54
CHC HEM C . 23.46 0.59 -0.53
CHD HEM C . 22.89 2.79 3.83
C1A HEM C . 26.69 -0.88 4.88
C2A HEM C . 27.66 -1.98 4.95
C3A HEM C . 27.77 -2.53 3.74
C4A HEM C . 26.90 -1.82 2.86
CMA HEM C . 28.68 -3.69 3.33
CAA HEM C . 28.44 -2.46 6.19
CBA HEM C . 27.57 -3.26 7.15
CGA HEM C . 28.33 -3.50 8.43
O1A HEM C . 28.63 -4.67 8.70
O2A HEM C . 28.63 -2.52 9.17
C1B HEM C . 25.98 -1.59 0.58
C2B HEM C . 25.90 -2.06 -0.76
C3B HEM C . 24.98 -1.32 -1.39
C4B HEM C . 24.46 -0.36 -0.43
CMB HEM C . 26.79 -3.22 -1.31
CAB HEM C . 24.62 -1.51 -2.88
CBB HEM C . 23.85 -0.70 -3.57
C1C HEM C . 22.97 1.36 0.50
C2C HEM C . 21.85 2.24 0.45
C3C HEM C . 21.69 2.87 1.64
C4C HEM C . 22.71 2.38 2.52
CMC HEM C . 21.04 2.35 -0.86
CAC HEM C . 20.67 3.91 2.17
CBC HEM C . 19.65 4.43 1.48
C1D HEM C . 23.73 2.32 4.80
C2D HEM C . 23.87 2.81 6.15
C3D HEM C . 24.92 1.92 6.81
C4D HEM C . 25.30 0.96 5.80
CMD HEM C . 23.11 4.00 6.80
CAD HEM C . 25.43 2.02 8.26
CBD HEM C . 24.71 0.98 9.09
CGD HEM C . 25.06 0.99 10.56
O1D HEM C . 24.11 0.76 11.37
O2D HEM C . 26.24 1.19 10.96
NA HEM C . 26.26 -0.83 3.58
NB HEM C . 25.11 -0.57 0.74
NC HEM C . 23.48 1.48 1.78
ND HEM C . 24.59 1.27 4.65
FE HEM C . 24.83 0.35 2.75
O17 OID D . 29.62 13.15 2.22
C2 OID D . 30.41 12.49 1.50
O1 OID D . 31.64 12.42 1.72
C3 OID D . 29.85 11.75 0.31
C4 OID D . 30.81 10.72 -0.27
C5 OID D . 30.89 9.42 0.51
C6 OID D . 31.01 8.26 -0.47
C7 OID D . 30.98 6.89 0.21
C8 OID D . 30.27 5.81 -0.61
C9 OID D . 30.68 4.44 -0.08
C10 OID D . 29.73 3.27 -0.30
C11 OID D . 29.87 2.31 0.91
N12 OID D . 28.66 2.36 1.74
C16 OID D . 27.66 1.48 1.73
N15 OID D . 26.71 1.90 2.60
C14 OID D . 27.13 3.03 3.17
C13 OID D . 28.35 3.32 2.62
CHA HEM E . -20.61 -0.10 0.22
CHB HEM E . -24.93 2.10 0.69
CHC HEM E . -26.71 -0.55 -2.93
CHD HEM E . -22.52 -3.03 -3.18
C1A HEM E . -21.60 0.75 0.66
C2A HEM E . -21.46 1.78 1.65
C3A HEM E . -22.65 2.42 1.78
C4A HEM E . -23.60 1.79 0.85
CMA HEM E . -22.99 3.58 2.72
CAA HEM E . -20.12 2.05 2.38
CBA HEM E . -19.44 3.35 1.92
CGA HEM E . -18.26 3.68 2.81
O1A HEM E . -17.90 4.87 2.97
O2A HEM E . -17.66 2.73 3.38
C1B HEM E . -25.83 1.61 -0.26
C2B HEM E . -27.15 2.12 -0.59
C3B HEM E . -27.65 1.39 -1.59
C4B HEM E . -26.66 0.40 -1.93
CMB HEM E . -27.86 3.30 0.10
CAB HEM E . -29.04 1.60 -2.22
CBB HEM E . -29.74 0.61 -2.76
C1C HEM E . -25.70 -1.41 -3.36
C2C HEM E . -25.76 -2.28 -4.49
C3C HEM E . -24.60 -2.97 -4.56
C4C HEM E . -23.77 -2.56 -3.47
CMC HEM E . -27.01 -2.31 -5.41
CAC HEM E . -24.11 -4.04 -5.54
CBC HEM E . -24.40 -4.02 -6.83
C1D HEM E . -21.60 -2.48 -2.30
C2D HEM E . -20.26 -2.92 -2.13
C3D HEM E . -19.65 -2.00 -1.08
C4D HEM E . -20.69 -1.10 -0.72
CMD HEM E . -19.55 -4.08 -2.86
CAD HEM E . -18.22 -2.09 -0.54
CBD HEM E . -17.45 -0.79 -0.74
CGD HEM E . -16.03 -0.99 -0.30
O1D HEM E . -15.10 -0.93 -1.16
O2D HEM E . -15.82 -1.24 0.92
NA HEM E . -22.91 0.78 0.20
NB HEM E . -25.60 0.55 -1.11
NC HEM E . -24.47 -1.62 -2.78
ND HEM E . -21.80 -1.43 -1.45
FE HEM E . -23.71 -0.41 -1.41
O17 OID F . -24.92 -12.83 3.47
C2 OID F . -25.91 -12.18 3.86
O1 OID F . -27.02 -12.68 4.08
C3 OID F . -25.78 -10.71 4.10
C4 OID F . -27.18 -10.09 4.20
C5 OID F . -27.13 -8.75 4.89
C6 OID F . -27.45 -7.65 3.90
C7 OID F . -27.61 -6.33 4.63
C8 OID F . -27.81 -5.17 3.69
C9 OID F . -26.60 -4.29 3.85
C10 OID F . -26.92 -2.83 3.63
C11 OID F . -25.60 -2.08 3.73
N12 OID F . -24.86 -2.17 2.47
C16 OID F . -24.84 -1.23 1.52
N15 OID F . -24.08 -1.68 0.51
C14 OID F . -23.61 -2.88 0.81
C13 OID F . -24.10 -3.18 2.05
#